data_9DQD
#
_entry.id   9DQD
#
_cell.length_a   1.00
_cell.length_b   1.00
_cell.length_c   1.00
_cell.angle_alpha   90.00
_cell.angle_beta   90.00
_cell.angle_gamma   90.00
#
_symmetry.space_group_name_H-M   'P 1'
#
loop_
_entity.id
_entity.type
_entity.pdbx_description
1 polymer 'Protein cereblon'
2 polymer 'DNA damage-binding protein 1'
3 non-polymer 'ZINC ION'
4 non-polymer (3R)-3-{1-methyl-6-[(piperidin-4-yl)amino]-1H-indazol-3-yl}piperidine-2,6-dione
#
loop_
_entity_poly.entity_id
_entity_poly.type
_entity_poly.pdbx_seq_one_letter_code
_entity_poly.pdbx_strand_id
1 'polypeptide(L)'
;MSYYHHHHHHDYDIPTTGLVPRGSMMAGEGDQQDAAHNMGNHLPLLPAESEEEDEMEVEDQDSKEAKKPNIINFDTSLPT
SHTYLGADMEEFHGRTLHDDDSCQVIPVLPQVMMILIPGQTLPLQLFHPQEVSMVRNLIQKDRTFAVLAYSNVQEREAQF
GTTAEIYAYREEQDFGIEIVKVKAIGRQRFKVLELRTQSDGIQQAKVQILPECVLPSTMSAVQLESLNKCQIFPSKPVSR
EDQCSYKWWQKYQKRKFHCANLTSWPRWLYSLYDAETLMDRIKKQLREWDENLKDDSLPSNPIDFSYRVAACLPIDDVLR
IQLLKIGSAIQRLRCELDIMNKCTSLCCKQCQETEITTKNEIFSLSLCGPMAAYVNPHGYVHETLTVYKACNLNLIGRPS
TEHSWFPGYAWTVAQCKICASHIGWKFTATKKDMSPQKFWGLTRSALLPTIPDTEDEISPDKVILCL
;
A
2 'polypeptide(L)'
;MSYNYVVTAQKPTAVNGCVTGHFTSAEDLNLLIAKNTRLEIYVVTAEGLRPVKEVGMYGKIAVMELFRPKGESKDLLFIL
TAKYNACILEYKQSGESIDIITRAHGNVQDRIGRPSETGIIGIIDPECRMIGLRLYDGLFKVIPLDRDNKELKAFNIRLE
ELHVIDVKFLYGCQAPTICFVYQDPQGRHVKTYEVSLREKEFNKGPWKQENVEAEASMVIAVPEPFGGAIIIGQESITYH
NGDKYLAIAPPIIKQSTIVCHNRVDPNGSRYLLGDMEGRLFMLLLEKEEQMDGTVTLKDLRVELLGETSIAECLTYLDNG
VVFVGSRLGDSQLVKLNVDSNEQGSYVVAMETFTNLGPIVDMCVVDLERQGQGQLVTCSGAFKEGSLRIIRNGIGGNGNS
GEIQKLHIRTVPLYESPRKICYQEVSQCFGVLSSRIEVQDTSGGTTALRPSASTQALSSSVSSSKLFSSSTAPHETSFGE
EVEVHNLLIIDQHTFEVLHAHQFLQNEYALSLVSCKLGKDPNTYFIVGTAMVYPEEAEPKQGRIVVFQYSDGKLQTVAEK
EVKGAVYSMVEFNGKLLASINSTVRLYEWTTEKELRTECNHYNNIMALYLKTKGDFILVGDLMRSVLLLAYKPMEGNFEE
IARDFNPNWMSAVEILDDDNFLGAENAFNLFVCQKDSAATTDEERQHLQEVGLFHLGEFVNVFCHGSLVMQNLGETSTPT
QGSVLFGTVNGMIGLVTSLSESWYNLLLDMQNRLNKVIKSVGKIEHSFWRSFHTERKTEPATGFIDGDLIESFLDISRPK
MQEVVANLQYDDGSGMKREATADDLIKVVEELTRIH
;
B
#
loop_
_chem_comp.id
_chem_comp.type
_chem_comp.name
_chem_comp.formula
A1BEP non-polymer (3R)-3-{1-methyl-6-[(piperidin-4-yl)amino]-1H-indazol-3-yl}piperidine-2,6-dione 'C18 H23 N5 O2'
ZN non-polymer 'ZINC ION' 'Zn 2'
#
# COMPACT_ATOMS: atom_id res chain seq x y z
N ASN A 73 29.20 -32.82 7.82
CA ASN A 73 30.48 -32.54 7.17
C ASN A 73 30.46 -32.94 5.70
N PHE A 74 29.27 -32.94 5.12
CA PHE A 74 29.07 -33.33 3.73
C PHE A 74 28.84 -32.09 2.89
N ASP A 75 29.58 -31.97 1.79
CA ASP A 75 29.47 -30.80 0.93
C ASP A 75 28.04 -30.68 0.39
N THR A 76 27.50 -29.47 0.45
CA THR A 76 26.13 -29.20 0.00
C THR A 76 26.05 -28.74 -1.45
N SER A 77 27.18 -28.45 -2.09
CA SER A 77 27.20 -28.05 -3.48
C SER A 77 27.50 -29.21 -4.43
N LEU A 78 27.74 -30.42 -3.89
CA LEU A 78 28.08 -31.54 -4.75
C LEU A 78 26.87 -32.07 -5.49
N PRO A 79 25.81 -32.52 -4.82
CA PRO A 79 24.67 -33.09 -5.55
C PRO A 79 24.01 -32.12 -6.52
N THR A 80 24.10 -30.81 -6.28
CA THR A 80 23.44 -29.85 -7.15
C THR A 80 23.96 -29.93 -8.58
N SER A 81 25.25 -30.20 -8.76
CA SER A 81 25.85 -30.20 -10.09
C SER A 81 25.44 -31.41 -10.93
N HIS A 82 24.86 -32.44 -10.33
CA HIS A 82 24.47 -33.65 -11.06
C HIS A 82 25.66 -34.28 -11.78
N THR A 83 26.79 -34.37 -11.07
CA THR A 83 27.99 -34.95 -11.67
C THR A 83 27.78 -36.39 -12.13
N TYR A 84 26.79 -37.09 -11.58
CA TYR A 84 26.58 -38.48 -11.93
C TYR A 84 26.29 -38.66 -13.41
N LEU A 85 25.43 -37.80 -13.98
CA LEU A 85 25.10 -37.93 -15.39
C LEU A 85 26.28 -37.59 -16.28
N GLY A 86 27.18 -36.73 -15.83
CA GLY A 86 28.33 -36.34 -16.61
C GLY A 86 29.15 -35.24 -15.99
N ALA A 87 30.44 -35.19 -16.31
CA ALA A 87 31.32 -34.15 -15.77
C ALA A 87 31.40 -32.96 -16.73
N ASP A 88 31.79 -33.21 -17.97
CA ASP A 88 31.90 -32.15 -18.97
C ASP A 88 30.59 -32.01 -19.73
N MET A 89 30.04 -30.79 -19.74
CA MET A 89 28.78 -30.52 -20.40
C MET A 89 28.91 -29.28 -21.26
N GLU A 90 28.14 -29.27 -22.35
CA GLU A 90 28.14 -28.15 -23.30
C GLU A 90 27.18 -27.07 -22.79
N GLU A 91 27.65 -26.32 -21.80
CA GLU A 91 26.86 -25.25 -21.23
C GLU A 91 26.52 -24.20 -22.29
N PHE A 92 25.28 -23.72 -22.24
CA PHE A 92 24.80 -22.69 -23.15
C PHE A 92 24.45 -21.44 -22.35
N HIS A 93 25.03 -20.30 -22.74
CA HIS A 93 24.80 -19.04 -22.06
C HIS A 93 23.94 -18.13 -22.93
N GLY A 94 23.03 -17.42 -22.29
CA GLY A 94 22.11 -16.52 -22.97
C GLY A 94 20.71 -16.73 -22.45
N ARG A 95 19.88 -15.69 -22.55
CA ARG A 95 18.51 -15.75 -22.08
C ARG A 95 17.57 -15.18 -23.13
N THR A 96 16.34 -15.70 -23.14
CA THR A 96 15.31 -15.27 -24.09
C THR A 96 13.99 -15.22 -23.33
N LEU A 97 13.64 -14.03 -22.83
CA LEU A 97 12.43 -13.85 -22.05
C LEU A 97 11.26 -13.56 -22.99
N HIS A 98 10.28 -14.45 -23.00
CA HIS A 98 9.10 -14.24 -23.82
C HIS A 98 8.30 -13.05 -23.32
N ASP A 99 7.76 -12.26 -24.25
CA ASP A 99 6.93 -11.13 -23.87
C ASP A 99 5.70 -11.60 -23.10
N ASP A 100 5.34 -10.84 -22.08
CA ASP A 100 4.22 -11.21 -21.22
C ASP A 100 2.92 -11.20 -22.00
N ASP A 101 2.02 -12.11 -21.63
CA ASP A 101 0.66 -12.20 -22.13
C ASP A 101 0.59 -12.56 -23.61
N SER A 102 1.73 -12.79 -24.27
CA SER A 102 1.71 -13.13 -25.67
C SER A 102 1.21 -14.57 -25.86
N CYS A 103 0.93 -14.91 -27.11
CA CYS A 103 0.46 -16.24 -27.48
C CYS A 103 1.53 -16.90 -28.33
N GLN A 104 2.06 -18.02 -27.86
CA GLN A 104 3.12 -18.73 -28.56
C GLN A 104 2.90 -20.23 -28.43
N VAL A 105 3.29 -20.97 -29.47
CA VAL A 105 3.15 -22.41 -29.51
C VAL A 105 4.53 -23.05 -29.36
N ILE A 106 4.61 -24.04 -28.49
CA ILE A 106 5.88 -24.70 -28.19
C ILE A 106 5.67 -26.18 -28.05
N PRO A 107 6.69 -26.98 -28.39
CA PRO A 107 6.59 -28.43 -28.23
C PRO A 107 6.51 -28.84 -26.77
N VAL A 108 5.90 -30.01 -26.55
CA VAL A 108 5.68 -30.57 -25.23
C VAL A 108 6.26 -31.97 -25.19
N LEU A 109 7.02 -32.27 -24.14
CA LEU A 109 7.58 -33.60 -24.00
C LEU A 109 6.47 -34.63 -23.79
N PRO A 110 6.62 -35.83 -24.34
CA PRO A 110 5.53 -36.81 -24.27
C PRO A 110 5.35 -37.43 -22.90
N GLN A 111 6.45 -37.78 -22.24
CA GLN A 111 6.42 -38.55 -20.99
C GLN A 111 7.03 -37.71 -19.87
N VAL A 112 6.21 -36.88 -19.24
CA VAL A 112 6.64 -36.06 -18.11
C VAL A 112 5.49 -35.90 -17.13
N MET A 113 5.63 -36.46 -15.93
CA MET A 113 4.62 -36.36 -14.89
C MET A 113 5.17 -35.63 -13.66
N MET A 114 5.97 -34.59 -13.89
CA MET A 114 6.51 -33.77 -12.81
C MET A 114 6.07 -32.32 -13.00
N ILE A 115 5.55 -31.72 -11.94
CA ILE A 115 5.17 -30.31 -11.99
C ILE A 115 6.42 -29.47 -11.70
N LEU A 116 6.81 -28.65 -12.67
CA LEU A 116 8.03 -27.87 -12.60
C LEU A 116 7.71 -26.46 -12.13
N ILE A 117 8.50 -25.97 -11.17
CA ILE A 117 8.31 -24.63 -10.62
C ILE A 117 9.43 -23.74 -11.12
N PRO A 118 9.17 -22.46 -11.38
CA PRO A 118 10.22 -21.58 -11.89
C PRO A 118 11.41 -21.54 -10.94
N GLY A 119 12.60 -21.50 -11.52
CA GLY A 119 13.82 -21.47 -10.75
C GLY A 119 14.35 -22.82 -10.31
N GLN A 120 13.69 -23.91 -10.66
CA GLN A 120 14.17 -25.25 -10.32
C GLN A 120 14.83 -25.89 -11.52
N THR A 121 15.82 -26.73 -11.27
CA THR A 121 16.55 -27.42 -12.32
C THR A 121 15.89 -28.75 -12.65
N LEU A 122 16.19 -29.25 -13.85
CA LEU A 122 15.63 -30.52 -14.30
C LEU A 122 16.56 -31.19 -15.30
N PRO A 123 17.10 -32.36 -14.97
CA PRO A 123 17.84 -33.16 -15.94
C PRO A 123 16.93 -34.16 -16.63
N LEU A 124 17.42 -34.70 -17.75
CA LEU A 124 16.64 -35.66 -18.51
C LEU A 124 17.55 -36.43 -19.46
N GLN A 125 17.31 -37.74 -19.55
CA GLN A 125 17.96 -38.60 -20.53
C GLN A 125 16.91 -39.09 -21.52
N LEU A 126 17.18 -38.90 -22.80
CA LEU A 126 16.21 -39.21 -23.84
C LEU A 126 16.82 -40.13 -24.89
N PHE A 127 16.03 -41.10 -25.34
CA PHE A 127 16.49 -42.04 -26.35
C PHE A 127 15.43 -42.33 -27.41
N HIS A 128 14.40 -41.50 -27.51
CA HIS A 128 13.39 -41.80 -28.51
C HIS A 128 13.60 -40.99 -29.78
N PRO A 129 13.40 -41.60 -30.95
CA PRO A 129 13.70 -40.90 -32.21
C PRO A 129 12.99 -39.56 -32.34
N GLN A 130 11.67 -39.52 -32.17
CA GLN A 130 10.95 -38.27 -32.33
C GLN A 130 11.37 -37.24 -31.29
N GLU A 131 11.51 -37.66 -30.03
CA GLU A 131 11.92 -36.73 -28.99
C GLU A 131 13.35 -36.23 -29.22
N VAL A 132 14.25 -37.13 -29.63
CA VAL A 132 15.63 -36.71 -29.89
C VAL A 132 15.67 -35.73 -31.05
N SER A 133 14.88 -35.98 -32.10
CA SER A 133 14.82 -35.05 -33.21
C SER A 133 14.27 -33.70 -32.77
N MET A 134 13.24 -33.71 -31.92
CA MET A 134 12.69 -32.46 -31.41
C MET A 134 13.75 -31.67 -30.65
N VAL A 135 14.50 -32.35 -29.77
CA VAL A 135 15.53 -31.65 -29.01
C VAL A 135 16.62 -31.13 -29.94
N ARG A 136 17.01 -31.92 -30.93
CA ARG A 136 18.06 -31.49 -31.85
C ARG A 136 17.63 -30.26 -32.63
N ASN A 137 16.38 -30.23 -33.06
CA ASN A 137 15.86 -29.04 -33.72
C ASN A 137 15.83 -27.84 -32.77
N LEU A 138 15.41 -28.09 -31.53
CA LEU A 138 15.17 -27.01 -30.58
C LEU A 138 16.49 -26.43 -30.08
N ILE A 139 17.51 -27.28 -29.89
CA ILE A 139 18.77 -26.85 -29.29
C ILE A 139 19.46 -25.75 -30.09
N GLN A 140 18.96 -25.40 -31.28
CA GLN A 140 19.57 -24.36 -32.08
C GLN A 140 18.68 -23.16 -32.30
N LYS A 141 17.39 -23.25 -32.03
CA LYS A 141 16.46 -22.15 -32.33
C LYS A 141 16.30 -21.22 -31.13
N ASP A 142 15.79 -21.76 -30.02
CA ASP A 142 15.68 -20.97 -28.80
C ASP A 142 16.02 -21.73 -27.53
N ARG A 143 16.09 -23.07 -27.55
CA ARG A 143 16.41 -23.86 -26.37
C ARG A 143 15.30 -23.79 -25.32
N THR A 144 14.05 -23.67 -25.76
CA THR A 144 12.92 -23.55 -24.85
C THR A 144 11.79 -24.50 -25.28
N PHE A 145 11.13 -25.09 -24.30
CA PHE A 145 9.97 -25.94 -24.53
C PHE A 145 9.00 -25.75 -23.38
N ALA A 146 8.01 -26.65 -23.27
CA ALA A 146 6.96 -26.51 -22.28
C ALA A 146 6.77 -27.82 -21.52
N VAL A 147 6.38 -27.69 -20.26
CA VAL A 147 6.06 -28.83 -19.40
C VAL A 147 4.65 -28.62 -18.86
N LEU A 148 3.83 -29.65 -18.97
CA LEU A 148 2.42 -29.59 -18.57
C LEU A 148 2.22 -30.34 -17.28
N ALA A 149 1.69 -29.65 -16.27
CA ALA A 149 1.31 -30.29 -15.01
C ALA A 149 -0.05 -30.95 -15.19
N TYR A 150 -0.08 -32.28 -15.09
CA TYR A 150 -1.30 -33.04 -15.33
C TYR A 150 -2.14 -33.09 -14.07
N SER A 151 -3.35 -32.53 -14.15
CA SER A 151 -4.30 -32.67 -13.06
C SER A 151 -4.67 -34.13 -12.83
N ASN A 152 -4.91 -34.85 -13.92
CA ASN A 152 -5.18 -36.29 -13.88
C ASN A 152 -4.19 -37.00 -14.78
N VAL A 153 -3.53 -38.03 -14.24
CA VAL A 153 -2.49 -38.72 -15.01
C VAL A 153 -3.11 -39.53 -16.15
N GLN A 154 -4.20 -40.24 -15.87
CA GLN A 154 -4.82 -41.09 -16.88
C GLN A 154 -5.22 -40.27 -18.10
N GLU A 155 -6.17 -39.35 -17.92
CA GLU A 155 -6.57 -38.46 -19.00
C GLU A 155 -5.57 -37.31 -19.07
N ARG A 156 -4.87 -37.20 -20.19
CA ARG A 156 -3.80 -36.21 -20.33
C ARG A 156 -4.42 -34.85 -20.65
N GLU A 157 -4.81 -34.13 -19.61
CA GLU A 157 -5.32 -32.77 -19.73
C GLU A 157 -4.60 -31.89 -18.73
N ALA A 158 -4.49 -30.61 -19.06
CA ALA A 158 -3.86 -29.64 -18.19
C ALA A 158 -4.28 -28.25 -18.60
N GLN A 159 -4.39 -27.36 -17.62
CA GLN A 159 -4.72 -25.96 -17.87
C GLN A 159 -3.58 -25.01 -17.59
N PHE A 160 -2.58 -25.43 -16.83
CA PHE A 160 -1.43 -24.61 -16.49
C PHE A 160 -0.15 -25.40 -16.75
N GLY A 161 0.88 -24.69 -17.17
CA GLY A 161 2.16 -25.31 -17.45
C GLY A 161 3.28 -24.32 -17.22
N THR A 162 4.50 -24.79 -17.44
CA THR A 162 5.70 -24.02 -17.19
C THR A 162 6.62 -24.08 -18.39
N THR A 163 7.10 -22.93 -18.84
CA THR A 163 8.12 -22.88 -19.87
C THR A 163 9.46 -23.30 -19.27
N ALA A 164 10.23 -24.06 -20.03
CA ALA A 164 11.53 -24.55 -19.58
C ALA A 164 12.60 -24.19 -20.59
N GLU A 165 13.67 -23.56 -20.13
CA GLU A 165 14.80 -23.20 -20.97
C GLU A 165 15.95 -24.14 -20.69
N ILE A 166 16.49 -24.73 -21.75
CA ILE A 166 17.55 -25.73 -21.62
C ILE A 166 18.89 -25.02 -21.57
N TYR A 167 19.73 -25.41 -20.60
CA TYR A 167 21.07 -24.85 -20.48
C TYR A 167 22.15 -25.91 -20.53
N ALA A 168 21.81 -27.15 -20.91
CA ALA A 168 22.81 -28.19 -21.05
C ALA A 168 22.40 -29.15 -22.16
N TYR A 169 23.40 -29.79 -22.77
CA TYR A 169 23.15 -30.75 -23.83
C TYR A 169 24.38 -31.61 -24.11
N ARG A 170 24.18 -32.93 -24.21
CA ARG A 170 25.26 -33.85 -24.50
C ARG A 170 24.69 -35.05 -25.24
N GLU A 171 25.53 -35.68 -26.06
CA GLU A 171 25.14 -36.83 -26.85
C GLU A 171 26.06 -38.01 -26.54
N GLU A 172 25.51 -39.21 -26.63
CA GLU A 172 26.26 -40.43 -26.38
C GLU A 172 25.71 -41.55 -27.27
N GLN A 173 26.56 -42.51 -27.57
CA GLN A 173 26.19 -43.69 -28.35
C GLN A 173 26.46 -44.94 -27.53
N ASP A 174 25.54 -45.90 -27.62
CA ASP A 174 25.55 -47.10 -26.80
C ASP A 174 25.48 -48.35 -27.67
N PHE A 175 26.33 -48.38 -28.70
CA PHE A 175 26.41 -49.50 -29.64
C PHE A 175 25.34 -49.44 -30.72
N GLY A 176 24.76 -48.27 -30.97
CA GLY A 176 23.77 -48.13 -32.03
C GLY A 176 22.52 -47.40 -31.60
N ILE A 177 22.53 -46.84 -30.40
CA ILE A 177 21.41 -46.07 -29.89
C ILE A 177 21.94 -44.72 -29.42
N GLU A 178 21.25 -43.65 -29.82
CA GLU A 178 21.64 -42.30 -29.43
C GLU A 178 20.93 -41.90 -28.15
N ILE A 179 21.69 -41.40 -27.18
CA ILE A 179 21.17 -40.95 -25.90
C ILE A 179 21.54 -39.49 -25.72
N VAL A 180 20.57 -38.67 -25.33
CA VAL A 180 20.76 -37.24 -25.16
C VAL A 180 20.57 -36.90 -23.69
N LYS A 181 21.56 -36.22 -23.12
CA LYS A 181 21.49 -35.69 -21.76
C LYS A 181 21.19 -34.21 -21.84
N VAL A 182 20.16 -33.76 -21.13
CA VAL A 182 19.71 -32.38 -21.19
C VAL A 182 19.50 -31.87 -19.76
N LYS A 183 19.87 -30.62 -19.53
CA LYS A 183 19.59 -29.93 -18.28
C LYS A 183 18.91 -28.60 -18.59
N ALA A 184 17.79 -28.34 -17.92
CA ALA A 184 17.00 -27.14 -18.16
C ALA A 184 16.50 -26.59 -16.84
N ILE A 185 15.83 -25.44 -16.90
CA ILE A 185 15.27 -24.79 -15.72
C ILE A 185 13.99 -24.09 -16.12
N GLY A 186 13.03 -24.07 -15.21
CA GLY A 186 11.78 -23.36 -15.47
C GLY A 186 11.98 -21.86 -15.49
N ARG A 187 11.21 -21.18 -16.34
CA ARG A 187 11.28 -19.74 -16.49
C ARG A 187 9.97 -19.04 -16.21
N GLN A 188 8.87 -19.48 -16.82
CA GLN A 188 7.61 -18.75 -16.75
C GLN A 188 6.44 -19.71 -16.71
N ARG A 189 5.32 -19.22 -16.20
CA ARG A 189 4.07 -19.96 -16.14
C ARG A 189 3.17 -19.56 -17.31
N PHE A 190 2.09 -20.30 -17.47
CA PHE A 190 1.15 -19.98 -18.55
C PHE A 190 -0.11 -20.82 -18.38
N LYS A 191 -1.18 -20.38 -19.05
CA LYS A 191 -2.43 -21.11 -19.11
C LYS A 191 -2.60 -21.66 -20.53
N VAL A 192 -2.67 -22.98 -20.65
CA VAL A 192 -2.76 -23.59 -21.98
C VAL A 192 -4.06 -23.15 -22.64
N LEU A 193 -3.95 -22.71 -23.89
CA LEU A 193 -5.12 -22.28 -24.65
C LEU A 193 -5.44 -23.18 -25.83
N GLU A 194 -4.50 -24.00 -26.29
CA GLU A 194 -4.80 -25.01 -27.29
C GLU A 194 -3.62 -25.98 -27.37
N LEU A 195 -3.90 -27.19 -27.83
CA LEU A 195 -2.86 -28.19 -28.04
C LEU A 195 -3.22 -29.00 -29.27
N ARG A 196 -2.18 -29.45 -29.98
CA ARG A 196 -2.36 -30.22 -31.20
C ARG A 196 -1.29 -31.29 -31.27
N THR A 197 -1.57 -32.31 -32.09
CA THR A 197 -0.65 -33.44 -32.28
C THR A 197 -0.03 -33.33 -33.66
N GLN A 198 1.26 -33.01 -33.71
CA GLN A 198 1.98 -32.98 -34.97
C GLN A 198 2.18 -34.40 -35.49
N SER A 199 2.43 -34.50 -36.81
CA SER A 199 2.61 -35.80 -37.43
C SER A 199 4.04 -36.29 -37.22
N ASP A 200 4.50 -36.29 -35.97
CA ASP A 200 5.81 -36.80 -35.63
C ASP A 200 5.83 -37.61 -34.35
N GLY A 201 4.69 -37.81 -33.70
CA GLY A 201 4.63 -38.50 -32.42
C GLY A 201 4.72 -37.60 -31.21
N ILE A 202 4.83 -36.29 -31.40
CA ILE A 202 4.93 -35.35 -30.28
C ILE A 202 3.72 -34.43 -30.30
N GLN A 203 3.66 -33.50 -29.35
CA GLN A 203 2.56 -32.56 -29.24
C GLN A 203 3.10 -31.14 -29.20
N GLN A 204 2.30 -30.20 -29.69
CA GLN A 204 2.64 -28.79 -29.68
C GLN A 204 1.48 -28.02 -29.05
N ALA A 205 1.77 -27.24 -28.02
CA ALA A 205 0.75 -26.50 -27.31
C ALA A 205 0.95 -25.00 -27.51
N LYS A 206 -0.11 -24.33 -27.97
CA LYS A 206 -0.15 -22.88 -28.04
C LYS A 206 -0.77 -22.34 -26.76
N VAL A 207 -0.07 -21.41 -26.12
CA VAL A 207 -0.44 -20.93 -24.79
C VAL A 207 -0.08 -19.46 -24.66
N GLN A 208 -0.76 -18.79 -23.73
CA GLN A 208 -0.53 -17.38 -23.45
C GLN A 208 0.29 -17.23 -22.18
N ILE A 209 1.32 -16.40 -22.24
CA ILE A 209 2.19 -16.20 -21.08
C ILE A 209 1.41 -15.50 -19.98
N LEU A 210 1.44 -16.07 -18.79
CA LEU A 210 0.79 -15.46 -17.64
C LEU A 210 1.63 -14.29 -17.11
N PRO A 211 1.00 -13.35 -16.42
CA PRO A 211 1.71 -12.19 -15.89
C PRO A 211 2.21 -12.41 -14.48
N GLU A 212 3.29 -11.69 -14.16
CA GLU A 212 3.88 -11.69 -12.82
C GLU A 212 3.63 -10.31 -12.22
N CYS A 213 2.72 -10.23 -11.25
CA CYS A 213 2.29 -8.97 -10.67
C CYS A 213 3.05 -8.71 -9.37
N VAL A 214 3.55 -7.49 -9.22
CA VAL A 214 4.22 -7.06 -8.01
C VAL A 214 3.56 -5.78 -7.53
N LEU A 215 3.21 -5.72 -6.26
CA LEU A 215 2.51 -4.53 -5.85
C LEU A 215 3.42 -3.62 -5.02
N PRO A 216 3.18 -2.31 -5.08
CA PRO A 216 3.95 -1.39 -4.23
C PRO A 216 3.56 -1.54 -2.77
N SER A 217 4.34 -0.91 -1.91
CA SER A 217 4.07 -0.98 -0.48
C SER A 217 2.67 -0.42 -0.19
N THR A 218 1.98 -1.07 0.74
CA THR A 218 0.61 -0.69 1.04
C THR A 218 0.51 0.76 1.49
N MET A 219 1.52 1.26 2.19
CA MET A 219 1.47 2.61 2.73
C MET A 219 1.80 3.69 1.70
N SER A 220 2.34 3.32 0.54
CA SER A 220 2.66 4.32 -0.46
C SER A 220 1.41 4.97 -1.02
N ALA A 221 0.32 4.23 -1.12
CA ALA A 221 -0.93 4.77 -1.66
C ALA A 221 -1.67 5.65 -0.66
N VAL A 222 -1.40 5.52 0.63
CA VAL A 222 -2.14 6.28 1.64
C VAL A 222 -1.95 7.77 1.41
N GLN A 223 -0.70 8.21 1.28
CA GLN A 223 -0.39 9.61 1.04
C GLN A 223 0.69 9.69 -0.02
N LEU A 224 1.13 10.90 -0.31
CA LEU A 224 2.18 11.11 -1.31
C LEU A 224 3.55 11.21 -0.65
N GLU A 225 3.75 12.22 0.21
CA GLU A 225 5.03 12.43 0.87
C GLU A 225 4.94 12.28 2.38
N SER A 226 4.08 13.06 3.05
CA SER A 226 4.01 13.03 4.50
C SER A 226 5.40 13.17 5.11
N LEU A 227 5.99 12.05 5.52
CA LEU A 227 7.35 11.99 6.04
C LEU A 227 8.08 10.91 5.26
N ASN A 228 8.60 11.29 4.08
CA ASN A 228 9.32 10.33 3.25
C ASN A 228 10.76 10.14 3.72
N LYS A 229 11.32 11.13 4.41
CA LYS A 229 12.70 11.02 4.87
C LYS A 229 12.86 9.94 5.93
N CYS A 230 11.77 9.50 6.56
CA CYS A 230 11.82 8.49 7.61
C CYS A 230 11.46 7.10 7.09
N GLN A 231 11.22 6.94 5.80
CA GLN A 231 10.80 5.66 5.25
C GLN A 231 11.96 4.69 5.02
N ILE A 232 13.20 5.18 5.07
CA ILE A 232 14.38 4.35 4.85
C ILE A 232 15.01 4.06 6.21
N PHE A 233 15.35 2.80 6.45
CA PHE A 233 15.81 2.35 7.75
C PHE A 233 17.30 2.06 7.75
N PRO A 234 17.94 2.11 8.91
CA PRO A 234 19.34 1.68 9.02
C PRO A 234 19.46 0.19 8.74
N SER A 235 20.67 -0.21 8.35
CA SER A 235 20.92 -1.60 8.00
C SER A 235 20.52 -2.52 9.14
N LYS A 236 19.88 -3.63 8.79
CA LYS A 236 19.44 -4.58 9.80
C LYS A 236 20.67 -5.19 10.49
N PRO A 237 20.74 -5.13 11.81
CA PRO A 237 21.88 -5.73 12.51
C PRO A 237 21.93 -7.24 12.30
N VAL A 238 23.14 -7.77 12.24
CA VAL A 238 23.34 -9.20 12.01
C VAL A 238 23.11 -9.99 13.29
N SER A 245 16.70 -9.14 17.78
CA SER A 245 16.07 -8.65 16.56
C SER A 245 14.61 -8.32 16.80
N TYR A 246 14.07 -8.84 17.89
CA TYR A 246 12.67 -8.59 18.22
C TYR A 246 12.40 -7.09 18.36
N LYS A 247 13.26 -6.38 19.10
CA LYS A 247 13.11 -4.94 19.22
C LYS A 247 13.24 -4.26 17.86
N TRP A 248 14.16 -4.73 17.03
CA TRP A 248 14.30 -4.17 15.70
C TRP A 248 13.03 -4.35 14.88
N TRP A 249 12.43 -5.54 14.94
CA TRP A 249 11.20 -5.77 14.20
C TRP A 249 10.07 -4.89 14.73
N GLN A 250 9.98 -4.73 16.04
CA GLN A 250 8.94 -3.87 16.60
C GLN A 250 9.12 -2.43 16.13
N LYS A 251 10.36 -1.93 16.15
CA LYS A 251 10.61 -0.58 15.67
C LYS A 251 10.28 -0.46 14.19
N TYR A 252 10.65 -1.48 13.40
CA TYR A 252 10.35 -1.47 11.98
C TYR A 252 8.86 -1.36 11.73
N GLN A 253 8.07 -2.18 12.43
CA GLN A 253 6.63 -2.11 12.28
C GLN A 253 6.09 -0.76 12.71
N LYS A 254 6.59 -0.23 13.84
CA LYS A 254 6.05 1.00 14.38
C LYS A 254 6.32 2.18 13.46
N ARG A 255 7.51 2.24 12.86
CA ARG A 255 7.84 3.39 12.03
C ARG A 255 7.37 3.24 10.59
N LYS A 256 7.47 2.04 10.02
CA LYS A 256 7.11 1.86 8.61
C LYS A 256 5.64 2.18 8.37
N PHE A 257 4.76 1.71 9.25
CA PHE A 257 3.32 1.86 9.08
C PHE A 257 2.75 2.98 9.93
N HIS A 258 3.52 4.05 10.15
CA HIS A 258 3.03 5.14 11.00
C HIS A 258 1.81 5.81 10.38
N CYS A 259 1.72 5.85 9.05
CA CYS A 259 0.58 6.48 8.40
C CYS A 259 -0.70 5.66 8.53
N ALA A 260 -0.63 4.45 9.11
CA ALA A 260 -1.82 3.63 9.24
C ALA A 260 -2.92 4.30 10.05
N ASN A 261 -2.57 5.28 10.88
CA ASN A 261 -3.59 5.99 11.65
C ASN A 261 -4.47 6.88 10.78
N LEU A 262 -4.09 7.12 9.53
CA LEU A 262 -4.93 7.88 8.61
C LEU A 262 -5.99 7.02 7.94
N THR A 263 -6.00 5.71 8.20
CA THR A 263 -6.91 4.79 7.56
C THR A 263 -7.79 4.14 8.62
N SER A 264 -8.56 3.14 8.21
CA SER A 264 -9.50 2.46 9.09
C SER A 264 -8.99 1.14 9.60
N TRP A 265 -7.69 0.85 9.44
CA TRP A 265 -7.15 -0.42 9.88
C TRP A 265 -5.91 -0.20 10.73
N PRO A 266 -5.67 -1.08 11.70
CA PRO A 266 -4.49 -0.92 12.56
C PRO A 266 -3.19 -1.28 11.85
N ARG A 267 -2.08 -1.18 12.57
CA ARG A 267 -0.78 -1.43 11.95
C ARG A 267 -0.58 -2.92 11.66
N TRP A 268 -0.88 -3.78 12.63
CA TRP A 268 -0.65 -5.20 12.43
C TRP A 268 -1.45 -5.74 11.25
N LEU A 269 -2.64 -5.18 11.02
CA LEU A 269 -3.41 -5.60 9.85
C LEU A 269 -2.64 -5.35 8.56
N TYR A 270 -1.98 -4.19 8.47
CA TYR A 270 -1.18 -3.91 7.28
C TYR A 270 0.06 -4.78 7.23
N SER A 271 0.68 -5.04 8.38
CA SER A 271 1.88 -5.88 8.40
C SER A 271 1.56 -7.31 7.98
N LEU A 272 0.32 -7.75 8.17
CA LEU A 272 -0.07 -9.08 7.73
C LEU A 272 0.03 -9.24 6.22
N TYR A 273 0.12 -8.14 5.47
CA TYR A 273 0.25 -8.17 4.03
C TYR A 273 1.56 -7.54 3.57
N ASP A 274 2.59 -7.62 4.40
CA ASP A 274 3.89 -7.05 4.08
C ASP A 274 4.86 -8.15 3.65
N ALA A 275 5.60 -7.88 2.57
CA ALA A 275 6.48 -8.91 2.01
C ALA A 275 7.59 -9.27 2.98
N GLU A 276 8.27 -8.27 3.54
CA GLU A 276 9.43 -8.55 4.38
C GLU A 276 9.06 -9.32 5.63
N THR A 277 7.95 -8.95 6.28
CA THR A 277 7.54 -9.66 7.48
C THR A 277 7.19 -11.11 7.15
N LEU A 278 6.51 -11.32 6.03
CA LEU A 278 6.18 -12.69 5.63
C LEU A 278 7.43 -13.50 5.35
N MET A 279 8.42 -12.89 4.68
CA MET A 279 9.68 -13.59 4.43
C MET A 279 10.38 -13.93 5.72
N ASP A 280 10.41 -13.01 6.67
CA ASP A 280 11.06 -13.27 7.94
C ASP A 280 10.37 -14.41 8.68
N ARG A 281 9.04 -14.42 8.67
CA ARG A 281 8.31 -15.51 9.31
C ARG A 281 8.63 -16.84 8.63
N ILE A 282 8.69 -16.84 7.29
CA ILE A 282 9.00 -18.08 6.56
C ILE A 282 10.38 -18.58 6.94
N LYS A 283 11.36 -17.68 6.97
CA LYS A 283 12.72 -18.08 7.30
C LYS A 283 12.80 -18.60 8.74
N LYS A 284 12.09 -17.94 9.66
CA LYS A 284 12.10 -18.42 11.04
C LYS A 284 11.49 -19.80 11.14
N GLN A 285 10.40 -20.05 10.42
CA GLN A 285 9.80 -21.38 10.41
C GLN A 285 10.77 -22.41 9.87
N LEU A 286 11.48 -22.06 8.79
CA LEU A 286 12.39 -23.03 8.17
C LEU A 286 13.64 -23.26 9.00
N ARG A 287 14.04 -22.28 9.82
CA ARG A 287 15.33 -22.36 10.49
C ARG A 287 15.46 -23.60 11.39
N GLU A 288 14.34 -24.18 11.82
CA GLU A 288 14.43 -25.41 12.58
C GLU A 288 15.08 -26.53 11.77
N TRP A 289 14.74 -26.61 10.49
CA TRP A 289 15.21 -27.73 9.67
C TRP A 289 16.71 -27.65 9.41
N ASP A 290 17.19 -26.47 9.02
CA ASP A 290 18.62 -26.25 8.77
C ASP A 290 19.13 -25.22 9.77
N GLU A 291 20.21 -25.57 10.48
CA GLU A 291 20.80 -24.69 11.47
C GLU A 291 21.98 -23.90 10.94
N ASN A 292 22.59 -24.33 9.85
CA ASN A 292 23.67 -23.61 9.20
C ASN A 292 23.20 -22.69 8.09
N LEU A 293 21.88 -22.54 7.93
CA LEU A 293 21.35 -21.72 6.85
C LEU A 293 21.90 -20.31 6.93
N LYS A 294 22.31 -19.78 5.79
CA LYS A 294 22.87 -18.45 5.69
C LYS A 294 21.90 -17.55 4.93
N ASP A 295 21.87 -16.28 5.32
CA ASP A 295 20.97 -15.32 4.66
C ASP A 295 21.18 -15.36 3.15
N ASP A 296 22.42 -15.49 2.70
CA ASP A 296 22.69 -15.63 1.28
C ASP A 296 22.17 -16.96 0.73
N SER A 297 21.93 -17.95 1.59
CA SER A 297 21.44 -19.24 1.12
C SER A 297 20.08 -19.10 0.45
N LEU A 298 19.19 -18.30 1.03
CA LEU A 298 17.92 -18.05 0.38
C LEU A 298 17.95 -16.72 -0.38
N PRO A 299 17.23 -16.63 -1.49
CA PRO A 299 17.25 -15.39 -2.28
C PRO A 299 16.67 -14.21 -1.50
N SER A 300 16.72 -13.02 -2.10
CA SER A 300 16.22 -11.81 -1.46
C SER A 300 14.94 -11.29 -2.07
N ASN A 301 14.80 -11.35 -3.39
CA ASN A 301 13.59 -10.86 -4.02
C ASN A 301 12.39 -11.69 -3.57
N PRO A 302 11.23 -11.06 -3.36
CA PRO A 302 10.06 -11.84 -2.93
C PRO A 302 9.68 -12.94 -3.91
N ILE A 303 9.80 -12.69 -5.22
CA ILE A 303 9.40 -13.69 -6.20
C ILE A 303 10.31 -14.92 -6.12
N ASP A 304 11.61 -14.69 -6.12
CA ASP A 304 12.56 -15.81 -6.05
C ASP A 304 12.38 -16.57 -4.75
N PHE A 305 12.23 -15.86 -3.64
CA PHE A 305 12.04 -16.51 -2.36
C PHE A 305 10.78 -17.38 -2.36
N SER A 306 9.68 -16.83 -2.89
CA SER A 306 8.43 -17.58 -2.92
C SER A 306 8.56 -18.84 -3.76
N TYR A 307 9.18 -18.71 -4.94
CA TYR A 307 9.34 -19.88 -5.80
C TYR A 307 10.22 -20.93 -5.12
N ARG A 308 11.33 -20.50 -4.52
CA ARG A 308 12.22 -21.44 -3.86
C ARG A 308 11.51 -22.17 -2.73
N VAL A 309 10.74 -21.44 -1.91
CA VAL A 309 10.05 -22.08 -0.80
C VAL A 309 9.00 -23.04 -1.32
N ALA A 310 8.24 -22.64 -2.34
CA ALA A 310 7.22 -23.52 -2.88
C ALA A 310 7.81 -24.79 -3.46
N ALA A 311 9.02 -24.69 -4.03
CA ALA A 311 9.62 -25.87 -4.66
C ALA A 311 9.87 -26.98 -3.65
N CYS A 312 10.35 -26.62 -2.45
CA CYS A 312 10.89 -27.59 -1.50
C CYS A 312 9.92 -27.89 -0.36
N LEU A 313 8.62 -28.01 -0.63
CA LEU A 313 7.74 -28.37 0.46
C LEU A 313 7.13 -29.75 0.24
N PRO A 314 7.02 -30.56 1.28
CA PRO A 314 6.46 -31.93 1.15
C PRO A 314 4.93 -31.98 1.14
N ILE A 315 4.36 -31.77 -0.04
CA ILE A 315 2.92 -31.79 -0.24
C ILE A 315 2.61 -32.59 -1.49
N ASP A 316 1.33 -32.82 -1.72
CA ASP A 316 0.88 -33.55 -2.90
C ASP A 316 0.71 -32.59 -4.08
N ASP A 317 0.36 -33.15 -5.24
CA ASP A 317 0.36 -32.35 -6.46
C ASP A 317 -0.73 -31.28 -6.46
N VAL A 318 -1.82 -31.52 -5.74
CA VAL A 318 -2.89 -30.53 -5.71
C VAL A 318 -2.41 -29.23 -5.08
N LEU A 319 -1.68 -29.33 -3.98
CA LEU A 319 -1.16 -28.12 -3.33
C LEU A 319 -0.17 -27.40 -4.25
N ARG A 320 0.66 -28.15 -4.96
CA ARG A 320 1.60 -27.52 -5.88
C ARG A 320 0.85 -26.79 -7.00
N ILE A 321 -0.19 -27.40 -7.55
CA ILE A 321 -0.97 -26.73 -8.59
C ILE A 321 -1.62 -25.47 -8.02
N GLN A 322 -2.12 -25.54 -6.79
CA GLN A 322 -2.72 -24.38 -6.16
C GLN A 322 -1.72 -23.24 -6.04
N LEU A 323 -0.52 -23.55 -5.52
CA LEU A 323 0.51 -22.52 -5.40
C LEU A 323 0.94 -22.00 -6.76
N LEU A 324 0.85 -22.83 -7.79
CA LEU A 324 1.19 -22.39 -9.15
C LEU A 324 0.16 -21.40 -9.67
N LYS A 325 -1.13 -21.65 -9.38
CA LYS A 325 -2.18 -20.78 -9.89
C LYS A 325 -2.03 -19.35 -9.39
N ILE A 326 -1.58 -19.19 -8.13
CA ILE A 326 -1.43 -17.86 -7.57
C ILE A 326 -0.52 -17.03 -8.46
N GLY A 327 -0.90 -15.76 -8.67
CA GLY A 327 -0.15 -14.89 -9.56
C GLY A 327 0.62 -13.80 -8.86
N SER A 328 0.36 -13.58 -7.57
CA SER A 328 1.00 -12.52 -6.82
C SER A 328 1.93 -13.10 -5.77
N ALA A 329 3.07 -12.43 -5.56
CA ALA A 329 4.04 -12.93 -4.60
C ALA A 329 3.46 -12.95 -3.19
N ILE A 330 2.72 -11.91 -2.81
CA ILE A 330 2.18 -11.84 -1.46
C ILE A 330 1.20 -12.98 -1.21
N GLN A 331 0.30 -13.22 -2.16
CA GLN A 331 -0.67 -14.31 -2.00
C GLN A 331 0.03 -15.66 -1.93
N ARG A 332 1.04 -15.87 -2.78
CA ARG A 332 1.77 -17.12 -2.75
C ARG A 332 2.46 -17.30 -1.40
N LEU A 333 3.07 -16.24 -0.86
CA LEU A 333 3.72 -16.34 0.43
C LEU A 333 2.72 -16.67 1.54
N ARG A 334 1.57 -16.01 1.53
CA ARG A 334 0.56 -16.31 2.56
C ARG A 334 0.09 -17.74 2.46
N CYS A 335 -0.17 -18.22 1.23
CA CYS A 335 -0.61 -19.59 1.06
C CYS A 335 0.45 -20.57 1.53
N GLU A 336 1.72 -20.30 1.21
CA GLU A 336 2.80 -21.19 1.63
C GLU A 336 2.92 -21.22 3.14
N LEU A 337 2.80 -20.07 3.78
CA LEU A 337 2.86 -20.03 5.25
C LEU A 337 1.71 -20.83 5.86
N ASP A 338 0.52 -20.69 5.28
CA ASP A 338 -0.62 -21.48 5.75
C ASP A 338 -0.35 -22.97 5.62
N ILE A 339 0.17 -23.39 4.47
CA ILE A 339 0.45 -24.80 4.27
C ILE A 339 1.48 -25.29 5.27
N MET A 340 2.54 -24.50 5.49
CA MET A 340 3.57 -24.88 6.45
C MET A 340 2.98 -25.05 7.85
N ASN A 341 2.17 -24.10 8.29
CA ASN A 341 1.59 -24.20 9.62
C ASN A 341 0.50 -25.25 9.71
N LYS A 342 0.02 -25.78 8.59
CA LYS A 342 -1.00 -26.81 8.64
C LYS A 342 -0.40 -28.22 8.68
N CYS A 343 0.53 -28.52 7.77
CA CYS A 343 1.05 -29.88 7.67
C CYS A 343 1.71 -30.30 8.97
N THR A 344 1.49 -31.56 9.33
CA THR A 344 2.03 -32.11 10.58
C THR A 344 2.94 -33.31 10.37
N SER A 345 2.56 -34.26 9.51
CA SER A 345 3.33 -35.48 9.31
C SER A 345 2.97 -36.07 7.96
N LEU A 346 3.75 -37.07 7.56
CA LEU A 346 3.56 -37.75 6.29
C LEU A 346 3.41 -39.25 6.52
N CYS A 347 2.70 -39.91 5.61
CA CYS A 347 2.41 -41.33 5.74
C CYS A 347 2.39 -41.97 4.36
N CYS A 348 2.41 -43.30 4.34
CA CYS A 348 2.38 -44.06 3.11
C CYS A 348 1.09 -43.76 2.33
N LYS A 349 1.23 -43.46 1.04
CA LYS A 349 0.07 -43.20 0.23
C LYS A 349 -0.85 -44.41 0.14
N GLN A 350 -0.26 -45.60 -0.02
CA GLN A 350 -1.07 -46.80 -0.15
C GLN A 350 -1.77 -47.15 1.15
N CYS A 351 -1.10 -46.94 2.30
CA CYS A 351 -1.73 -47.20 3.58
C CYS A 351 -2.83 -46.17 3.87
N GLN A 352 -2.51 -44.89 3.69
CA GLN A 352 -3.39 -43.79 4.07
C GLN A 352 -3.40 -43.61 5.59
N GLU A 353 -2.82 -44.56 6.32
CA GLU A 353 -2.59 -44.40 7.75
C GLU A 353 -1.35 -45.22 8.10
N THR A 354 -0.19 -44.58 8.09
CA THR A 354 1.06 -45.23 8.48
C THR A 354 2.08 -44.14 8.76
N GLU A 355 2.39 -43.93 10.04
CA GLU A 355 3.38 -42.93 10.41
C GLU A 355 4.73 -43.31 9.83
N ILE A 356 5.21 -42.54 8.87
CA ILE A 356 6.52 -42.73 8.29
C ILE A 356 7.50 -41.67 8.77
N THR A 357 7.02 -40.44 8.97
CA THR A 357 7.90 -39.35 9.39
C THR A 357 7.04 -38.13 9.72
N THR A 358 7.63 -37.24 10.51
CA THR A 358 6.97 -36.00 10.91
C THR A 358 7.72 -34.79 10.33
N LYS A 359 7.14 -33.61 10.57
CA LYS A 359 7.71 -32.39 10.01
C LYS A 359 9.13 -32.15 10.50
N ASN A 360 9.38 -32.38 11.79
CA ASN A 360 10.69 -32.08 12.36
C ASN A 360 11.78 -32.86 11.67
N GLU A 361 11.50 -34.11 11.29
CA GLU A 361 12.53 -34.96 10.71
C GLU A 361 13.09 -34.41 9.41
N ILE A 362 12.31 -33.57 8.70
CA ILE A 362 12.79 -33.04 7.42
C ILE A 362 14.07 -32.26 7.63
N PHE A 363 15.05 -32.53 6.76
CA PHE A 363 16.31 -31.80 6.80
C PHE A 363 16.98 -31.94 5.44
N SER A 364 17.60 -30.87 4.97
CA SER A 364 18.19 -30.83 3.63
C SER A 364 19.69 -31.07 3.67
N LEU A 365 20.21 -31.54 2.55
CA LEU A 365 21.65 -31.74 2.36
C LEU A 365 22.14 -31.15 1.04
N SER A 366 21.36 -30.23 0.45
CA SER A 366 21.75 -29.62 -0.81
C SER A 366 21.28 -28.17 -0.81
N LEU A 367 21.92 -27.37 -1.66
CA LEU A 367 21.58 -25.95 -1.74
C LEU A 367 20.12 -25.76 -2.17
N CYS A 368 19.66 -26.56 -3.12
CA CYS A 368 18.28 -26.44 -3.59
C CYS A 368 17.29 -26.69 -2.46
N GLY A 369 17.56 -27.69 -1.63
CA GLY A 369 16.70 -27.98 -0.50
C GLY A 369 16.50 -29.47 -0.29
N PRO A 370 15.61 -29.83 0.64
CA PRO A 370 15.39 -31.25 0.92
C PRO A 370 14.95 -32.03 -0.32
N MET A 371 14.17 -31.41 -1.20
CA MET A 371 13.69 -32.05 -2.41
C MET A 371 14.43 -31.49 -3.61
N ALA A 372 14.75 -32.37 -4.56
CA ALA A 372 15.43 -31.99 -5.79
C ALA A 372 15.10 -33.02 -6.86
N ALA A 373 15.51 -32.74 -8.08
CA ALA A 373 15.25 -33.61 -9.22
C ALA A 373 16.47 -34.45 -9.53
N TYR A 374 16.24 -35.71 -9.90
CA TYR A 374 17.29 -36.61 -10.33
C TYR A 374 16.72 -37.52 -11.42
N VAL A 375 17.59 -38.33 -12.00
CA VAL A 375 17.19 -39.23 -13.09
C VAL A 375 17.89 -40.57 -12.90
N ASN A 376 17.11 -41.64 -12.98
CA ASN A 376 17.70 -42.96 -12.96
C ASN A 376 18.34 -43.27 -14.31
N PRO A 377 19.49 -43.96 -14.32
CA PRO A 377 20.07 -44.36 -15.62
C PRO A 377 19.12 -45.23 -16.43
N HIS A 378 18.20 -45.93 -15.77
CA HIS A 378 17.19 -46.68 -16.50
C HIS A 378 16.36 -45.79 -17.40
N GLY A 379 16.15 -44.53 -17.00
CA GLY A 379 15.42 -43.58 -17.83
C GLY A 379 14.40 -42.78 -17.05
N TYR A 380 13.79 -43.40 -16.05
CA TYR A 380 12.81 -42.71 -15.23
C TYR A 380 13.49 -41.72 -14.30
N VAL A 381 12.86 -40.56 -14.11
CA VAL A 381 13.36 -39.51 -13.23
C VAL A 381 12.51 -39.54 -11.97
N HIS A 382 13.16 -39.73 -10.82
CA HIS A 382 12.47 -39.81 -9.53
C HIS A 382 12.90 -38.64 -8.65
N GLU A 383 11.93 -38.01 -8.03
CA GLU A 383 12.22 -36.99 -7.02
C GLU A 383 12.51 -37.65 -5.68
N THR A 384 13.36 -37.00 -4.90
CA THR A 384 13.72 -37.55 -3.60
C THR A 384 14.04 -36.42 -2.64
N LEU A 385 13.88 -36.71 -1.36
CA LEU A 385 14.15 -35.77 -0.27
C LEU A 385 15.25 -36.35 0.62
N THR A 386 15.50 -35.67 1.74
CA THR A 386 16.53 -36.07 2.68
C THR A 386 15.95 -36.10 4.09
N VAL A 387 16.12 -37.23 4.79
CA VAL A 387 15.64 -37.40 6.15
C VAL A 387 16.57 -38.37 6.88
N TYR A 388 16.39 -38.46 8.19
CA TYR A 388 17.27 -39.25 9.06
C TYR A 388 16.47 -40.19 9.95
N LYS A 389 15.27 -40.59 9.52
CA LYS A 389 14.45 -41.47 10.33
C LYS A 389 13.31 -42.06 9.51
N ALA A 390 13.12 -43.37 9.60
CA ALA A 390 12.05 -44.05 8.90
C ALA A 390 11.49 -45.16 9.78
N CYS A 391 10.18 -45.39 9.64
CA CYS A 391 9.52 -46.49 10.32
C CYS A 391 8.48 -47.10 9.39
N ASN A 392 8.17 -48.37 9.63
CA ASN A 392 7.25 -49.12 8.78
C ASN A 392 7.87 -49.38 7.41
N LEU A 393 9.17 -49.62 7.39
CA LEU A 393 9.93 -49.86 6.17
C LEU A 393 10.67 -51.19 6.25
N ASN A 394 10.73 -51.89 5.13
CA ASN A 394 11.53 -53.10 4.99
C ASN A 394 12.65 -52.83 4.01
N LEU A 395 13.89 -53.07 4.44
CA LEU A 395 15.07 -52.85 3.60
C LEU A 395 15.37 -54.08 2.77
N ILE A 396 15.93 -53.85 1.59
CA ILE A 396 16.21 -54.93 0.63
C ILE A 396 17.39 -54.51 -0.25
N GLY A 397 18.41 -55.35 -0.30
CA GLY A 397 19.56 -55.12 -1.13
C GLY A 397 20.81 -54.86 -0.31
N ARG A 398 21.88 -54.53 -1.03
CA ARG A 398 23.18 -54.26 -0.45
C ARG A 398 23.77 -52.99 -1.04
N PRO A 399 24.76 -52.40 -0.39
CA PRO A 399 25.31 -51.13 -0.89
C PRO A 399 25.88 -51.29 -2.30
N SER A 400 25.73 -50.24 -3.08
CA SER A 400 26.25 -50.21 -4.45
C SER A 400 26.55 -48.78 -4.84
N THR A 401 27.42 -48.63 -5.84
CA THR A 401 27.80 -47.32 -6.34
C THR A 401 28.16 -47.47 -7.82
N GLU A 402 27.20 -47.22 -8.69
CA GLU A 402 27.44 -47.23 -10.13
C GLU A 402 27.03 -45.93 -10.81
N HIS A 403 25.86 -45.39 -10.46
CA HIS A 403 25.40 -44.12 -11.00
C HIS A 403 24.71 -43.28 -9.92
N SER A 404 25.10 -43.46 -8.67
CA SER A 404 24.48 -42.73 -7.58
C SER A 404 24.62 -41.23 -7.77
N TRP A 405 23.54 -40.50 -7.48
CA TRP A 405 23.54 -39.06 -7.71
C TRP A 405 24.58 -38.35 -6.83
N PHE A 406 24.66 -38.73 -5.55
CA PHE A 406 25.68 -38.00 -4.83
C PHE A 406 27.03 -38.71 -4.96
N PRO A 407 28.12 -37.99 -5.14
CA PRO A 407 29.43 -38.67 -5.25
C PRO A 407 29.87 -39.26 -3.92
N GLY A 408 29.72 -40.57 -3.81
CA GLY A 408 30.09 -41.32 -2.63
C GLY A 408 28.92 -41.63 -1.71
N TYR A 409 28.29 -42.79 -1.88
CA TYR A 409 27.27 -43.22 -0.92
C TYR A 409 26.74 -44.61 -1.26
N ALA A 410 26.33 -45.37 -0.24
CA ALA A 410 25.66 -46.64 -0.48
C ALA A 410 24.15 -46.42 -0.62
N TRP A 411 23.41 -47.49 -0.92
CA TRP A 411 21.96 -47.38 -1.02
C TRP A 411 21.34 -48.77 -1.15
N THR A 412 20.14 -48.89 -0.58
CA THR A 412 19.36 -50.13 -0.60
C THR A 412 17.89 -49.77 -0.72
N VAL A 413 17.13 -50.60 -1.43
CA VAL A 413 15.72 -50.30 -1.65
C VAL A 413 14.95 -50.49 -0.36
N ALA A 414 13.82 -49.78 -0.25
CA ALA A 414 12.91 -49.95 0.87
C ALA A 414 11.49 -50.10 0.35
N GLN A 415 10.69 -50.86 1.09
CA GLN A 415 9.30 -51.09 0.71
C GLN A 415 8.41 -50.95 1.93
N CYS A 416 7.15 -50.65 1.66
CA CYS A 416 6.18 -50.51 2.74
C CYS A 416 6.05 -51.82 3.50
N LYS A 417 6.04 -51.73 4.83
CA LYS A 417 5.92 -52.94 5.64
C LYS A 417 4.58 -53.62 5.43
N ILE A 418 3.51 -52.84 5.32
CA ILE A 418 2.18 -53.39 5.12
C ILE A 418 1.87 -53.57 3.64
N CYS A 419 2.02 -52.51 2.84
CA CYS A 419 1.69 -52.58 1.42
C CYS A 419 2.75 -53.34 0.62
N ALA A 420 3.95 -53.49 1.17
CA ALA A 420 5.13 -54.05 0.50
C ALA A 420 5.62 -53.19 -0.65
N SER A 421 5.01 -52.03 -0.88
CA SER A 421 5.37 -51.19 -2.01
C SER A 421 6.69 -50.47 -1.75
N HIS A 422 7.50 -50.36 -2.79
CA HIS A 422 8.75 -49.61 -2.70
C HIS A 422 8.46 -48.17 -2.33
N ILE A 423 9.20 -47.64 -1.36
CA ILE A 423 8.98 -46.30 -0.83
C ILE A 423 10.18 -45.40 -1.09
N GLY A 424 11.38 -45.85 -0.73
CA GLY A 424 12.54 -45.00 -0.85
C GLY A 424 13.82 -45.80 -0.82
N TRP A 425 14.91 -45.13 -0.52
CA TRP A 425 16.23 -45.74 -0.51
C TRP A 425 16.99 -45.35 0.74
N LYS A 426 17.53 -46.35 1.42
CA LYS A 426 18.33 -46.17 2.63
C LYS A 426 19.79 -46.08 2.22
N PHE A 427 20.43 -44.98 2.60
CA PHE A 427 21.80 -44.68 2.20
C PHE A 427 22.72 -44.75 3.40
N THR A 428 23.91 -45.31 3.19
CA THR A 428 24.96 -45.40 4.20
C THR A 428 26.16 -44.60 3.72
N ALA A 429 26.71 -43.77 4.59
CA ALA A 429 27.81 -42.90 4.19
C ALA A 429 29.00 -43.72 3.74
N THR A 430 29.96 -43.04 3.12
CA THR A 430 31.15 -43.67 2.57
C THR A 430 32.22 -43.81 3.63
N LYS A 431 33.26 -44.59 3.29
CA LYS A 431 34.35 -44.81 4.22
C LYS A 431 35.11 -43.53 4.53
N LYS A 432 35.28 -42.66 3.54
CA LYS A 432 36.10 -41.47 3.72
C LYS A 432 35.64 -40.67 4.92
N ASP A 433 36.57 -40.31 5.80
CA ASP A 433 36.29 -39.50 6.99
C ASP A 433 35.03 -40.05 7.63
N MET A 434 34.04 -39.22 7.96
CA MET A 434 32.78 -39.72 8.49
C MET A 434 31.68 -38.71 8.17
N SER A 435 30.45 -39.22 8.07
CA SER A 435 29.28 -38.40 7.78
C SER A 435 28.05 -39.17 8.22
N PRO A 436 26.84 -38.60 8.07
CA PRO A 436 25.63 -39.32 8.48
C PRO A 436 25.57 -40.73 7.92
N GLN A 437 25.67 -41.73 8.79
CA GLN A 437 25.69 -43.11 8.34
C GLN A 437 24.33 -43.54 7.79
N LYS A 438 23.27 -43.23 8.51
CA LYS A 438 21.92 -43.61 8.10
C LYS A 438 21.23 -42.41 7.48
N PHE A 439 20.78 -42.57 6.24
CA PHE A 439 20.13 -41.53 5.47
C PHE A 439 18.91 -42.16 4.81
N TRP A 440 17.79 -41.44 4.80
CA TRP A 440 16.59 -41.91 4.13
C TRP A 440 16.23 -40.93 3.02
N GLY A 441 16.18 -41.43 1.79
CA GLY A 441 15.75 -40.60 0.67
C GLY A 441 14.54 -41.19 0.00
N LEU A 442 13.40 -40.52 0.12
CA LEU A 442 12.12 -41.07 -0.33
C LEU A 442 11.65 -40.33 -1.58
N THR A 443 10.63 -40.88 -2.22
CA THR A 443 10.01 -40.28 -3.38
C THR A 443 8.61 -39.80 -3.01
N ARG A 444 8.29 -38.56 -3.39
CA ARG A 444 6.98 -38.02 -3.03
C ARG A 444 5.84 -38.83 -3.62
N SER A 445 6.11 -39.64 -4.65
CA SER A 445 5.05 -40.41 -5.29
C SER A 445 4.34 -41.34 -4.31
N ALA A 446 5.07 -41.83 -3.28
CA ALA A 446 4.52 -42.78 -2.32
C ALA A 446 4.31 -42.16 -0.95
N LEU A 447 4.17 -40.84 -0.88
CA LEU A 447 4.06 -40.13 0.39
C LEU A 447 2.83 -39.22 0.36
N LEU A 448 2.25 -38.98 1.53
CA LEU A 448 1.12 -38.04 1.59
C LEU A 448 0.99 -37.46 3.00
N PRO A 449 0.83 -36.15 3.12
CA PRO A 449 0.74 -35.54 4.45
C PRO A 449 -0.53 -35.97 5.17
N THR A 450 -0.55 -35.67 6.48
CA THR A 450 -1.66 -36.03 7.35
C THR A 450 -2.11 -34.83 8.17
N ILE A 451 -2.27 -33.69 7.51
CA ILE A 451 -2.69 -32.47 8.18
C ILE A 451 -4.00 -32.67 8.92
N MET B 1 -21.69 -0.37 -18.92
CA MET B 1 -23.13 -0.38 -18.64
C MET B 1 -23.42 0.25 -17.29
N SER B 2 -22.49 1.05 -16.79
CA SER B 2 -22.62 1.64 -15.46
C SER B 2 -23.50 2.89 -15.49
N TYR B 3 -23.07 3.91 -16.22
CA TYR B 3 -23.81 5.17 -16.32
C TYR B 3 -23.91 5.84 -14.95
N ASN B 4 -22.75 6.16 -14.37
CA ASN B 4 -22.67 6.77 -13.05
C ASN B 4 -22.31 8.25 -13.17
N TYR B 5 -22.30 8.92 -12.03
CA TYR B 5 -22.02 10.36 -11.97
C TYR B 5 -21.41 10.68 -10.62
N VAL B 6 -20.24 11.30 -10.62
CA VAL B 6 -19.49 11.58 -9.40
C VAL B 6 -19.20 13.07 -9.32
N VAL B 7 -19.50 13.68 -8.17
CA VAL B 7 -19.30 15.11 -7.96
C VAL B 7 -18.71 15.33 -6.57
N THR B 8 -18.22 16.55 -6.34
CA THR B 8 -17.56 16.92 -5.09
C THR B 8 -18.43 17.90 -4.33
N ALA B 9 -18.79 17.55 -3.10
CA ALA B 9 -19.62 18.42 -2.28
C ALA B 9 -18.79 19.38 -1.43
N GLN B 10 -17.67 18.92 -0.90
CA GLN B 10 -16.77 19.74 -0.10
C GLN B 10 -15.37 19.62 -0.63
N LYS B 11 -14.73 20.77 -0.88
CA LYS B 11 -13.37 20.76 -1.41
C LYS B 11 -12.38 20.33 -0.33
N PRO B 12 -11.24 19.77 -0.73
CA PRO B 12 -10.27 19.29 0.25
C PRO B 12 -9.73 20.43 1.11
N THR B 13 -9.40 20.10 2.36
CA THR B 13 -8.97 21.10 3.32
C THR B 13 -7.54 20.91 3.80
N ALA B 14 -7.04 19.67 3.86
CA ALA B 14 -5.68 19.46 4.32
C ALA B 14 -4.68 20.18 3.43
N VAL B 15 -3.74 20.88 4.06
CA VAL B 15 -2.72 21.65 3.36
C VAL B 15 -1.46 20.82 3.28
N ASN B 16 -0.94 20.62 2.07
CA ASN B 16 0.29 19.88 1.89
C ASN B 16 1.45 20.73 1.41
N GLY B 17 1.21 21.98 1.01
CA GLY B 17 2.31 22.85 0.63
C GLY B 17 2.02 24.29 0.97
N CYS B 18 3.08 25.04 1.29
CA CYS B 18 2.95 26.46 1.57
C CYS B 18 4.26 27.15 1.25
N VAL B 19 4.18 28.32 0.61
CA VAL B 19 5.35 29.10 0.23
C VAL B 19 5.02 30.58 0.35
N THR B 20 6.07 31.40 0.43
CA THR B 20 5.91 32.83 0.61
C THR B 20 6.87 33.57 -0.30
N GLY B 21 6.39 34.68 -0.87
CA GLY B 21 7.25 35.49 -1.72
C GLY B 21 6.45 36.55 -2.46
N HIS B 22 7.17 37.31 -3.27
CA HIS B 22 6.59 38.40 -4.05
C HIS B 22 6.12 37.85 -5.38
N PHE B 23 4.85 37.47 -5.46
CA PHE B 23 4.29 36.84 -6.64
C PHE B 23 3.37 37.77 -7.42
N THR B 24 2.35 38.34 -6.77
CA THR B 24 1.38 39.17 -7.47
C THR B 24 1.90 40.55 -7.81
N SER B 25 2.93 41.02 -7.11
CA SER B 25 3.51 42.32 -7.42
C SER B 25 4.91 42.38 -6.82
N ALA B 26 5.69 43.35 -7.30
CA ALA B 26 7.06 43.50 -6.83
C ALA B 26 7.13 43.90 -5.37
N GLU B 27 6.06 44.45 -4.80
CA GLU B 27 6.07 44.98 -3.45
C GLU B 27 5.05 44.35 -2.52
N ASP B 28 4.27 43.38 -3.00
CA ASP B 28 3.27 42.72 -2.18
C ASP B 28 3.84 41.41 -1.65
N LEU B 29 3.64 41.15 -0.36
CA LEU B 29 4.05 39.90 0.27
C LEU B 29 2.92 38.90 0.12
N ASN B 30 3.17 37.82 -0.62
CA ASN B 30 2.15 36.85 -0.98
C ASN B 30 2.42 35.51 -0.32
N LEU B 31 1.34 34.84 0.06
CA LEU B 31 1.37 33.50 0.62
C LEU B 31 0.59 32.56 -0.29
N LEU B 32 1.23 31.48 -0.71
CA LEU B 32 0.62 30.50 -1.60
C LEU B 32 0.46 29.19 -0.85
N ILE B 33 -0.73 28.61 -0.94
CA ILE B 33 -1.08 27.37 -0.23
C ILE B 33 -1.56 26.35 -1.25
N ALA B 34 -1.07 25.12 -1.13
CA ALA B 34 -1.47 24.02 -1.99
C ALA B 34 -2.13 22.95 -1.12
N LYS B 35 -3.41 22.70 -1.39
CA LYS B 35 -4.20 21.68 -0.71
C LYS B 35 -4.60 20.66 -1.78
N ASN B 36 -3.81 19.60 -1.89
CA ASN B 36 -4.07 18.58 -2.89
C ASN B 36 -4.15 19.19 -4.29
N THR B 37 -5.36 19.30 -4.84
CA THR B 37 -5.55 19.79 -6.19
C THR B 37 -5.93 21.27 -6.25
N ARG B 38 -5.95 21.97 -5.13
CA ARG B 38 -6.36 23.35 -5.08
C ARG B 38 -5.19 24.25 -4.73
N LEU B 39 -5.10 25.40 -5.40
CA LEU B 39 -4.09 26.40 -5.12
C LEU B 39 -4.79 27.68 -4.69
N GLU B 40 -4.31 28.27 -3.58
CA GLU B 40 -4.88 29.49 -3.04
C GLU B 40 -3.78 30.52 -2.85
N ILE B 41 -4.09 31.78 -3.15
CA ILE B 41 -3.12 32.86 -3.15
C ILE B 41 -3.69 33.99 -2.31
N TYR B 42 -2.99 34.34 -1.22
CA TYR B 42 -3.38 35.42 -0.32
C TYR B 42 -2.31 36.50 -0.32
N VAL B 43 -2.73 37.72 0.02
CA VAL B 43 -1.82 38.84 0.21
C VAL B 43 -1.75 39.12 1.70
N VAL B 44 -0.56 39.03 2.27
CA VAL B 44 -0.38 39.25 3.70
C VAL B 44 -0.40 40.73 3.98
N THR B 45 -1.16 41.13 5.00
CA THR B 45 -1.26 42.51 5.43
C THR B 45 -1.15 42.55 6.95
N ALA B 46 -1.27 43.76 7.51
CA ALA B 46 -1.07 43.92 8.94
C ALA B 46 -2.08 43.13 9.75
N GLU B 47 -3.36 43.20 9.38
CA GLU B 47 -4.39 42.56 10.19
C GLU B 47 -4.39 41.05 10.05
N GLY B 48 -4.06 40.53 8.86
CA GLY B 48 -4.06 39.10 8.65
C GLY B 48 -3.91 38.71 7.19
N LEU B 49 -4.67 37.72 6.75
CA LEU B 49 -4.60 37.21 5.38
C LEU B 49 -5.81 37.68 4.61
N ARG B 50 -5.57 38.26 3.44
CA ARG B 50 -6.65 38.67 2.54
C ARG B 50 -6.65 37.76 1.32
N PRO B 51 -7.66 36.91 1.14
CA PRO B 51 -7.67 36.04 -0.04
C PRO B 51 -7.68 36.86 -1.32
N VAL B 52 -6.95 36.37 -2.33
CA VAL B 52 -6.79 37.06 -3.59
C VAL B 52 -7.22 36.18 -4.76
N LYS B 53 -6.77 34.93 -4.77
CA LYS B 53 -7.08 34.07 -5.91
C LYS B 53 -7.17 32.61 -5.46
N GLU B 54 -7.86 31.81 -6.26
CA GLU B 54 -8.02 30.39 -5.98
C GLU B 54 -8.30 29.66 -7.28
N VAL B 55 -7.57 28.59 -7.54
CA VAL B 55 -7.68 27.84 -8.78
C VAL B 55 -7.52 26.35 -8.51
N GLY B 56 -7.82 25.55 -9.53
CA GLY B 56 -7.66 24.11 -9.43
C GLY B 56 -6.87 23.55 -10.58
N MET B 57 -6.11 22.50 -10.30
CA MET B 57 -5.22 21.87 -11.26
C MET B 57 -5.64 20.42 -11.48
N TYR B 58 -5.49 19.95 -12.71
CA TYR B 58 -5.83 18.56 -13.05
C TYR B 58 -4.71 17.62 -12.60
N GLY B 59 -4.51 17.57 -11.30
CA GLY B 59 -3.50 16.67 -10.75
C GLY B 59 -3.26 16.97 -9.29
N LYS B 60 -2.40 16.14 -8.70
CA LYS B 60 -1.97 16.32 -7.33
C LYS B 60 -0.64 17.06 -7.31
N ILE B 61 -0.57 18.12 -6.52
CA ILE B 61 0.61 18.99 -6.49
C ILE B 61 1.65 18.35 -5.56
N ALA B 62 2.76 17.90 -6.13
CA ALA B 62 3.81 17.28 -5.34
C ALA B 62 4.99 18.21 -5.07
N VAL B 63 5.24 19.18 -5.95
CA VAL B 63 6.34 20.11 -5.78
C VAL B 63 5.85 21.51 -6.16
N MET B 64 6.25 22.51 -5.37
CA MET B 64 5.91 23.89 -5.64
C MET B 64 7.07 24.78 -5.22
N GLU B 65 7.36 25.81 -6.00
CA GLU B 65 8.46 26.71 -5.68
C GLU B 65 8.23 28.05 -6.34
N LEU B 66 8.92 29.06 -5.82
CA LEU B 66 8.95 30.40 -6.39
C LEU B 66 10.39 30.76 -6.73
N PHE B 67 10.61 31.35 -7.89
CA PHE B 67 11.94 31.77 -8.28
C PHE B 67 11.83 32.96 -9.23
N ARG B 68 12.84 33.82 -9.18
CA ARG B 68 12.87 35.03 -10.01
C ARG B 68 14.09 34.99 -10.92
N PRO B 69 13.94 34.63 -12.18
CA PRO B 69 15.07 34.73 -13.11
C PRO B 69 15.48 36.17 -13.34
N LYS B 70 16.71 36.35 -13.80
CA LYS B 70 17.22 37.68 -14.08
C LYS B 70 16.35 38.38 -15.11
N GLY B 71 16.05 39.65 -14.85
CA GLY B 71 15.20 40.41 -15.76
C GLY B 71 13.73 40.15 -15.62
N GLU B 72 13.28 39.75 -14.42
CA GLU B 72 11.87 39.52 -14.15
C GLU B 72 11.42 40.45 -13.04
N SER B 73 10.35 41.19 -13.29
CA SER B 73 9.82 42.09 -12.26
C SER B 73 9.33 41.31 -11.06
N LYS B 74 8.67 40.17 -11.29
CA LYS B 74 8.15 39.36 -10.19
C LYS B 74 8.67 37.94 -10.31
N ASP B 75 8.11 37.04 -9.50
CA ASP B 75 8.54 35.65 -9.46
C ASP B 75 7.68 34.79 -10.39
N LEU B 76 8.15 33.57 -10.62
CA LEU B 76 7.43 32.59 -11.41
C LEU B 76 7.26 31.34 -10.57
N LEU B 77 6.19 30.60 -10.82
CA LEU B 77 5.84 29.43 -10.02
C LEU B 77 6.12 28.16 -10.83
N PHE B 78 6.92 27.27 -10.27
CA PHE B 78 7.21 25.98 -10.86
C PHE B 78 6.42 24.91 -10.12
N ILE B 79 5.67 24.11 -10.87
CA ILE B 79 4.78 23.12 -10.28
C ILE B 79 4.98 21.78 -10.95
N LEU B 80 4.90 20.71 -10.15
CA LEU B 80 5.00 19.34 -10.62
C LEU B 80 3.88 18.53 -9.99
N THR B 81 3.26 17.67 -10.78
CA THR B 81 2.13 16.87 -10.33
C THR B 81 2.57 15.44 -10.03
N ALA B 82 1.64 14.68 -9.44
CA ALA B 82 1.93 13.29 -9.07
C ALA B 82 2.07 12.39 -10.29
N LYS B 83 1.60 12.83 -11.46
CA LYS B 83 1.81 12.10 -12.69
C LYS B 83 2.98 12.65 -13.51
N TYR B 84 3.77 13.54 -12.91
CA TYR B 84 4.99 14.05 -13.52
C TYR B 84 4.71 15.06 -14.62
N ASN B 85 3.59 15.77 -14.53
CA ASN B 85 3.35 16.93 -15.37
C ASN B 85 4.00 18.13 -14.71
N ALA B 86 4.89 18.81 -15.43
CA ALA B 86 5.61 19.96 -14.89
C ALA B 86 5.25 21.20 -15.68
N CYS B 87 5.27 22.34 -15.01
CA CYS B 87 4.91 23.59 -15.67
C CYS B 87 5.50 24.77 -14.92
N ILE B 88 5.65 25.88 -15.64
CA ILE B 88 6.08 27.16 -15.11
C ILE B 88 4.99 28.18 -15.45
N LEU B 89 4.49 28.86 -14.43
CA LEU B 89 3.35 29.76 -14.55
C LEU B 89 3.71 31.15 -14.03
N GLU B 90 2.95 32.13 -14.50
CA GLU B 90 3.14 33.52 -14.13
C GLU B 90 1.79 34.13 -13.78
N TYR B 91 1.82 35.15 -12.92
CA TYR B 91 0.62 35.82 -12.45
C TYR B 91 0.35 37.05 -13.32
N LYS B 92 -0.79 37.06 -14.00
CA LYS B 92 -1.18 38.16 -14.87
C LYS B 92 -2.49 38.76 -14.37
N GLN B 93 -2.50 40.08 -14.19
CA GLN B 93 -3.69 40.79 -13.75
C GLN B 93 -3.84 42.05 -14.58
N SER B 94 -4.95 42.15 -15.31
CA SER B 94 -5.27 43.33 -16.12
C SER B 94 -6.56 43.91 -15.60
N GLY B 95 -6.47 45.07 -14.94
CA GLY B 95 -7.65 45.72 -14.39
C GLY B 95 -8.34 44.88 -13.33
N GLU B 96 -9.54 44.39 -13.64
CA GLU B 96 -10.32 43.60 -12.71
C GLU B 96 -10.24 42.11 -13.00
N SER B 97 -9.39 41.69 -13.93
CA SER B 97 -9.27 40.30 -14.34
C SER B 97 -7.99 39.70 -13.77
N ILE B 98 -8.11 38.48 -13.23
CA ILE B 98 -6.99 37.76 -12.65
C ILE B 98 -6.91 36.40 -13.32
N ASP B 99 -5.71 36.02 -13.76
CA ASP B 99 -5.52 34.72 -14.37
C ASP B 99 -4.04 34.39 -14.38
N ILE B 100 -3.74 33.09 -14.45
CA ILE B 100 -2.37 32.59 -14.41
C ILE B 100 -1.97 32.18 -15.83
N ILE B 101 -0.84 32.71 -16.29
CA ILE B 101 -0.35 32.44 -17.64
C ILE B 101 0.61 31.25 -17.60
N THR B 102 0.41 30.29 -18.50
CA THR B 102 1.25 29.10 -18.59
C THR B 102 2.48 29.45 -19.42
N ARG B 103 3.55 29.86 -18.73
CA ARG B 103 4.78 30.20 -19.44
C ARG B 103 5.40 28.99 -20.12
N ALA B 104 5.37 27.83 -19.47
CA ALA B 104 5.92 26.64 -20.10
C ALA B 104 5.30 25.41 -19.46
N HIS B 105 5.37 24.28 -20.17
CA HIS B 105 4.82 23.04 -19.64
C HIS B 105 5.45 21.85 -20.36
N GLY B 106 5.34 20.69 -19.73
CA GLY B 106 5.85 19.47 -20.32
C GLY B 106 5.62 18.30 -19.38
N ASN B 107 6.06 17.12 -19.83
CA ASN B 107 6.00 15.91 -19.04
C ASN B 107 7.40 15.34 -18.91
N VAL B 108 7.74 14.87 -17.70
CA VAL B 108 9.09 14.41 -17.42
C VAL B 108 9.08 12.95 -17.00
N GLN B 109 8.11 12.20 -17.48
CA GLN B 109 8.03 10.78 -17.13
C GLN B 109 9.15 10.00 -17.82
N ASP B 110 9.49 8.86 -17.24
CA ASP B 110 10.49 7.95 -17.78
C ASP B 110 9.83 6.65 -18.23
N ARG B 111 10.36 6.09 -19.32
CA ARG B 111 9.77 4.88 -19.88
C ARG B 111 9.85 3.72 -18.89
N ILE B 112 10.99 3.57 -18.21
CA ILE B 112 11.19 2.47 -17.28
C ILE B 112 11.82 3.00 -16.01
N GLY B 113 11.67 2.24 -14.93
CA GLY B 113 12.28 2.59 -13.65
C GLY B 113 11.32 2.42 -12.50
N ARG B 114 11.87 2.10 -11.34
CA ARG B 114 11.08 1.96 -10.12
C ARG B 114 11.15 3.24 -9.32
N PRO B 115 10.03 3.89 -9.04
CA PRO B 115 10.08 5.15 -8.29
C PRO B 115 10.76 4.96 -6.94
N SER B 116 11.54 5.97 -6.56
CA SER B 116 12.28 5.91 -5.30
C SER B 116 11.32 5.86 -4.12
N GLU B 117 11.72 5.15 -3.07
CA GLU B 117 10.87 5.03 -1.89
C GLU B 117 10.68 6.39 -1.21
N THR B 118 11.74 7.20 -1.17
CA THR B 118 11.67 8.49 -0.52
C THR B 118 10.75 9.47 -1.24
N GLY B 119 10.33 9.17 -2.46
CA GLY B 119 9.37 9.99 -3.14
C GLY B 119 10.00 11.09 -3.98
N ILE B 120 9.13 11.84 -4.65
CA ILE B 120 9.56 12.88 -5.56
C ILE B 120 10.26 13.98 -4.79
N ILE B 121 11.39 14.46 -5.32
CA ILE B 121 12.11 15.59 -4.75
C ILE B 121 12.39 16.59 -5.86
N GLY B 122 12.16 17.86 -5.58
CA GLY B 122 12.44 18.91 -6.55
C GLY B 122 13.09 20.13 -5.94
N ILE B 123 14.17 20.61 -6.55
CA ILE B 123 14.89 21.78 -6.03
C ILE B 123 15.29 22.67 -7.19
N ILE B 124 15.60 23.92 -6.86
CA ILE B 124 15.98 24.93 -7.84
C ILE B 124 17.28 25.59 -7.41
N ASP B 125 18.11 25.91 -8.39
CA ASP B 125 19.38 26.58 -8.12
C ASP B 125 19.12 27.97 -7.53
N PRO B 126 19.82 28.36 -6.45
CA PRO B 126 19.64 29.72 -5.94
C PRO B 126 19.99 30.78 -6.98
N GLU B 127 20.86 30.46 -7.93
CA GLU B 127 21.17 31.38 -9.02
C GLU B 127 20.11 31.35 -10.12
N CYS B 128 19.14 30.45 -10.04
CA CYS B 128 18.09 30.33 -11.04
C CYS B 128 18.68 29.96 -12.40
N ARG B 129 19.43 28.86 -12.40
CA ARG B 129 20.07 28.36 -13.60
C ARG B 129 19.49 27.04 -14.10
N MET B 130 18.99 26.20 -13.20
CA MET B 130 18.41 24.92 -13.61
C MET B 130 17.52 24.40 -12.50
N ILE B 131 16.82 23.32 -12.80
CA ILE B 131 15.95 22.64 -11.84
C ILE B 131 16.42 21.20 -11.72
N GLY B 132 16.58 20.74 -10.48
CA GLY B 132 16.99 19.37 -10.21
C GLY B 132 15.82 18.56 -9.67
N LEU B 133 15.71 17.32 -10.13
CA LEU B 133 14.62 16.44 -9.73
C LEU B 133 15.17 15.06 -9.41
N ARG B 134 14.58 14.44 -8.38
CA ARG B 134 14.87 13.06 -8.01
C ARG B 134 13.55 12.30 -8.00
N LEU B 135 13.36 11.43 -8.99
CA LEU B 135 12.11 10.69 -9.16
C LEU B 135 12.33 9.18 -9.03
N TYR B 136 13.28 8.62 -9.76
CA TYR B 136 13.58 7.19 -9.69
C TYR B 136 14.97 6.99 -9.10
N ASP B 137 15.13 5.90 -8.37
CA ASP B 137 16.41 5.62 -7.74
C ASP B 137 17.50 5.41 -8.79
N GLY B 138 18.68 5.95 -8.52
CA GLY B 138 19.81 5.82 -9.40
C GLY B 138 19.88 6.83 -10.52
N LEU B 139 18.97 7.81 -10.56
CA LEU B 139 18.97 8.82 -11.60
C LEU B 139 18.70 10.19 -10.98
N PHE B 140 19.18 11.22 -11.65
CA PHE B 140 18.97 12.60 -11.22
C PHE B 140 18.69 13.43 -12.46
N LYS B 141 17.49 14.00 -12.55
CA LYS B 141 17.08 14.70 -13.76
C LYS B 141 17.35 16.19 -13.63
N VAL B 142 17.79 16.81 -14.70
CA VAL B 142 18.14 18.23 -14.71
C VAL B 142 17.42 18.90 -15.86
N ILE B 143 16.80 20.05 -15.56
CA ILE B 143 16.11 20.87 -16.55
C ILE B 143 16.86 22.19 -16.66
N PRO B 144 17.42 22.53 -17.81
CA PRO B 144 18.00 23.87 -17.98
C PRO B 144 16.93 24.94 -17.91
N LEU B 145 17.34 26.12 -17.44
CA LEU B 145 16.45 27.27 -17.30
C LEU B 145 16.86 28.31 -18.34
N ASP B 146 16.23 28.23 -19.51
CA ASP B 146 16.48 29.17 -20.58
C ASP B 146 15.16 29.63 -21.17
N ARG B 147 15.16 30.83 -21.75
CA ARG B 147 13.94 31.38 -22.33
C ARG B 147 13.46 30.56 -23.52
N ASP B 148 14.31 29.70 -24.08
CA ASP B 148 13.98 28.93 -25.26
C ASP B 148 13.61 27.49 -24.92
N ASN B 149 13.12 27.25 -23.69
CA ASN B 149 12.82 25.90 -23.26
C ASN B 149 11.33 25.76 -22.96
N LYS B 150 10.50 26.28 -23.85
CA LYS B 150 9.05 26.23 -23.65
C LYS B 150 8.54 24.80 -23.53
N GLU B 151 9.28 23.82 -24.05
CA GLU B 151 8.89 22.43 -23.92
C GLU B 151 9.45 21.77 -22.67
N LEU B 152 10.36 22.42 -21.95
CA LEU B 152 10.93 21.88 -20.72
C LEU B 152 11.55 20.51 -20.95
N LYS B 153 12.61 20.50 -21.77
CA LYS B 153 13.36 19.28 -22.05
C LYS B 153 14.47 19.13 -21.02
N ALA B 154 14.48 17.98 -20.35
CA ALA B 154 15.48 17.69 -19.32
C ALA B 154 16.31 16.48 -19.73
N PHE B 155 17.38 16.25 -18.98
CA PHE B 155 18.26 15.11 -19.23
C PHE B 155 18.64 14.46 -17.91
N ASN B 156 18.97 13.18 -17.98
CA ASN B 156 19.27 12.39 -16.80
C ASN B 156 20.77 12.29 -16.56
N ILE B 157 21.15 12.12 -15.30
CA ILE B 157 22.52 11.88 -14.91
C ILE B 157 22.54 10.71 -13.92
N ARG B 158 23.57 9.90 -14.00
CA ARG B 158 23.64 8.71 -13.16
C ARG B 158 24.23 9.06 -11.80
N LEU B 159 23.60 8.52 -10.75
CA LEU B 159 24.08 8.65 -9.38
C LEU B 159 24.53 7.27 -8.91
N GLU B 160 25.77 7.19 -8.43
CA GLU B 160 26.28 5.91 -7.95
C GLU B 160 25.68 5.53 -6.60
N GLU B 161 25.05 6.47 -5.91
CA GLU B 161 24.40 6.19 -4.64
C GLU B 161 22.94 5.88 -4.91
N LEU B 162 22.49 4.70 -4.47
CA LEU B 162 21.13 4.28 -4.79
C LEU B 162 20.12 4.89 -3.84
N HIS B 163 20.40 4.86 -2.54
CA HIS B 163 19.48 5.36 -1.52
C HIS B 163 19.96 6.75 -1.09
N VAL B 164 19.32 7.78 -1.63
CA VAL B 164 19.65 9.17 -1.30
C VAL B 164 18.58 9.67 -0.34
N ILE B 165 18.98 9.91 0.92
CA ILE B 165 18.02 10.35 1.91
C ILE B 165 17.52 11.74 1.60
N ASP B 166 18.43 12.68 1.33
CA ASP B 166 18.02 14.05 1.08
C ASP B 166 19.05 14.75 0.20
N VAL B 167 18.62 15.83 -0.45
CA VAL B 167 19.47 16.56 -1.40
C VAL B 167 19.05 18.02 -1.39
N LYS B 168 20.03 18.90 -1.62
CA LYS B 168 19.76 20.34 -1.65
C LYS B 168 20.85 21.02 -2.44
N PHE B 169 20.59 22.25 -2.86
CA PHE B 169 21.60 23.08 -3.50
C PHE B 169 22.33 23.88 -2.43
N LEU B 170 23.36 24.63 -2.85
CA LEU B 170 24.19 25.39 -1.93
C LEU B 170 24.35 26.81 -2.44
N TYR B 171 24.53 27.73 -1.50
CA TYR B 171 24.69 29.15 -1.81
C TYR B 171 26.16 29.51 -1.94
N GLY B 172 26.42 30.57 -2.69
CA GLY B 172 27.75 31.11 -2.82
C GLY B 172 28.77 30.19 -3.46
N CYS B 173 28.40 29.56 -4.57
CA CYS B 173 29.31 28.72 -5.33
C CYS B 173 29.32 29.17 -6.79
N GLN B 174 30.51 29.20 -7.37
CA GLN B 174 30.64 29.69 -8.74
C GLN B 174 29.85 28.84 -9.72
N ALA B 175 29.89 27.52 -9.55
CA ALA B 175 29.14 26.61 -10.38
C ALA B 175 28.08 25.91 -9.54
N PRO B 176 26.98 25.47 -10.15
CA PRO B 176 25.93 24.81 -9.38
C PRO B 176 26.50 23.66 -8.57
N THR B 177 26.21 23.67 -7.27
CA THR B 177 26.72 22.66 -6.36
C THR B 177 25.56 22.06 -5.57
N ILE B 178 25.57 20.75 -5.42
CA ILE B 178 24.53 20.05 -4.69
C ILE B 178 25.17 19.26 -3.55
N CYS B 179 24.61 19.41 -2.35
CA CYS B 179 25.01 18.63 -1.19
C CYS B 179 23.87 17.68 -0.85
N PHE B 180 24.20 16.41 -0.65
CA PHE B 180 23.16 15.44 -0.38
C PHE B 180 23.67 14.38 0.58
N VAL B 181 22.74 13.88 1.39
CA VAL B 181 23.02 12.84 2.38
C VAL B 181 22.36 11.55 1.89
N TYR B 182 23.14 10.48 1.84
CA TYR B 182 22.71 9.18 1.36
C TYR B 182 23.14 8.11 2.34
N GLN B 183 22.73 6.87 2.07
CA GLN B 183 23.02 5.75 2.94
C GLN B 183 23.56 4.58 2.12
N ASP B 184 24.36 3.75 2.80
CA ASP B 184 24.94 2.53 2.25
C ASP B 184 25.24 1.59 3.40
N PRO B 185 25.75 0.39 3.13
CA PRO B 185 25.97 -0.57 4.22
C PRO B 185 26.82 -0.02 5.36
N GLN B 186 27.80 0.83 5.05
CA GLN B 186 28.65 1.38 6.10
C GLN B 186 27.87 2.32 7.02
N GLY B 187 26.93 3.06 6.46
CA GLY B 187 26.16 4.03 7.24
C GLY B 187 25.67 5.14 6.34
N ARG B 188 25.45 6.31 6.93
CA ARG B 188 24.98 7.47 6.20
C ARG B 188 26.10 8.48 6.06
N HIS B 189 26.19 9.09 4.87
CA HIS B 189 27.25 10.04 4.56
C HIS B 189 26.66 11.22 3.82
N VAL B 190 27.46 12.29 3.71
CA VAL B 190 27.10 13.49 2.98
C VAL B 190 28.18 13.76 1.95
N LYS B 191 27.77 14.04 0.72
CA LYS B 191 28.71 14.29 -0.35
C LYS B 191 28.20 15.43 -1.23
N THR B 192 29.13 16.08 -1.93
CA THR B 192 28.84 17.22 -2.77
C THR B 192 29.25 16.94 -4.21
N TYR B 193 28.48 17.47 -5.14
CA TYR B 193 28.76 17.35 -6.56
C TYR B 193 28.61 18.70 -7.23
N GLU B 194 29.32 18.87 -8.35
CA GLU B 194 29.12 20.01 -9.23
C GLU B 194 28.47 19.53 -10.51
N VAL B 195 27.43 20.21 -10.94
CA VAL B 195 26.68 19.82 -12.13
C VAL B 195 27.23 20.58 -13.33
N SER B 196 27.62 19.84 -14.37
CA SER B 196 28.14 20.42 -15.60
C SER B 196 27.08 20.28 -16.68
N LEU B 197 26.46 21.42 -17.04
CA LEU B 197 25.46 21.43 -18.09
C LEU B 197 26.09 21.20 -19.46
N ARG B 198 27.23 21.85 -19.71
CA ARG B 198 27.87 21.72 -21.02
C ARG B 198 28.21 20.27 -21.33
N GLU B 199 28.79 19.57 -20.36
CA GLU B 199 29.08 18.16 -20.51
C GLU B 199 27.98 17.27 -19.95
N LYS B 200 27.02 17.84 -19.23
CA LYS B 200 25.92 17.09 -18.64
C LYS B 200 26.45 15.93 -17.79
N GLU B 201 27.19 16.29 -16.74
CA GLU B 201 27.84 15.27 -15.92
C GLU B 201 28.05 15.83 -14.53
N PHE B 202 28.71 15.02 -13.69
CA PHE B 202 29.05 15.38 -12.33
C PHE B 202 30.56 15.57 -12.22
N ASN B 203 30.96 16.50 -11.35
CA ASN B 203 32.35 16.74 -11.04
C ASN B 203 32.54 16.81 -9.53
N LYS B 204 33.76 16.50 -9.10
CA LYS B 204 34.05 16.49 -7.68
C LYS B 204 33.67 17.82 -7.02
N GLY B 205 32.98 17.74 -5.89
CA GLY B 205 32.46 18.93 -5.24
C GLY B 205 33.52 19.70 -4.49
N PRO B 206 33.10 20.82 -3.89
CA PRO B 206 34.05 21.67 -3.17
C PRO B 206 34.76 20.95 -2.03
N TRP B 207 34.02 20.33 -1.11
CA TRP B 207 34.61 19.60 0.00
C TRP B 207 34.30 18.11 -0.12
N LYS B 208 35.19 17.29 0.42
CA LYS B 208 35.10 15.85 0.26
C LYS B 208 33.95 15.29 1.10
N GLN B 209 33.79 13.97 1.03
CA GLN B 209 32.75 13.28 1.77
C GLN B 209 33.05 13.26 3.26
N GLU B 210 32.00 13.08 4.06
CA GLU B 210 32.14 12.99 5.50
C GLU B 210 31.05 12.09 6.07
N ASN B 211 31.29 11.61 7.28
CA ASN B 211 30.34 10.73 7.97
C ASN B 211 29.49 11.54 8.94
N VAL B 212 28.19 11.22 8.97
CA VAL B 212 27.25 11.94 9.83
C VAL B 212 26.53 10.94 10.72
N GLU B 213 25.62 11.45 11.54
CA GLU B 213 24.85 10.61 12.44
C GLU B 213 24.14 9.50 11.66
N ALA B 214 23.73 8.47 12.40
CA ALA B 214 23.04 7.32 11.80
C ALA B 214 21.58 7.59 11.53
N GLU B 215 21.09 8.81 11.74
CA GLU B 215 19.70 9.12 11.48
C GLU B 215 19.50 10.47 10.79
N ALA B 216 20.56 11.03 10.21
CA ALA B 216 20.45 12.33 9.57
C ALA B 216 19.36 12.32 8.51
N SER B 217 18.48 13.32 8.55
CA SER B 217 17.36 13.35 7.62
C SER B 217 17.18 14.69 6.93
N MET B 218 17.52 15.79 7.61
CA MET B 218 17.25 17.13 7.13
C MET B 218 18.53 17.80 6.66
N VAL B 219 18.47 18.42 5.48
CA VAL B 219 19.56 19.21 4.93
C VAL B 219 19.05 20.63 4.73
N ILE B 220 19.77 21.60 5.29
CA ILE B 220 19.41 23.01 5.19
C ILE B 220 20.57 23.77 4.58
N ALA B 221 20.29 24.56 3.55
CA ALA B 221 21.32 25.29 2.82
C ALA B 221 21.38 26.71 3.37
N VAL B 222 22.33 26.94 4.27
CA VAL B 222 22.48 28.28 4.85
C VAL B 222 22.89 29.26 3.77
N PRO B 223 22.33 30.46 3.74
CA PRO B 223 22.72 31.43 2.71
C PRO B 223 24.00 32.17 3.07
N GLU B 224 24.37 33.15 2.26
CA GLU B 224 25.53 33.98 2.56
C GLU B 224 25.26 34.81 3.81
N PRO B 225 26.31 35.22 4.52
CA PRO B 225 27.72 34.96 4.24
C PRO B 225 28.20 33.67 4.88
N PHE B 226 27.34 32.98 5.65
CA PHE B 226 27.78 31.77 6.34
C PHE B 226 28.12 30.67 5.34
N GLY B 227 27.23 30.39 4.40
CA GLY B 227 27.47 29.32 3.46
C GLY B 227 27.39 27.96 4.15
N GLY B 228 27.87 26.95 3.43
CA GLY B 228 27.86 25.62 4.00
C GLY B 228 26.46 25.04 4.05
N ALA B 229 26.30 24.05 4.94
CA ALA B 229 25.02 23.37 5.09
C ALA B 229 24.88 22.90 6.53
N ILE B 230 23.63 22.59 6.90
CA ILE B 230 23.30 22.10 8.23
C ILE B 230 22.58 20.77 8.09
N ILE B 231 23.03 19.79 8.85
CA ILE B 231 22.45 18.45 8.86
C ILE B 231 21.71 18.27 10.18
N ILE B 232 20.44 17.90 10.10
CA ILE B 232 19.59 17.72 11.27
C ILE B 232 19.17 16.26 11.31
N GLY B 233 19.47 15.59 12.42
CA GLY B 233 19.12 14.20 12.62
C GLY B 233 18.25 13.99 13.83
N GLN B 234 18.29 12.79 14.40
CA GLN B 234 17.40 12.47 15.51
C GLN B 234 17.88 13.08 16.83
N GLU B 235 19.19 13.13 17.06
CA GLU B 235 19.71 13.58 18.34
C GLU B 235 20.82 14.62 18.22
N SER B 236 21.11 15.13 17.03
CA SER B 236 22.20 16.06 16.87
C SER B 236 21.94 17.00 15.71
N ILE B 237 22.58 18.17 15.77
CA ILE B 237 22.52 19.17 14.72
C ILE B 237 23.95 19.59 14.39
N THR B 238 24.32 19.53 13.11
CA THR B 238 25.68 19.79 12.70
C THR B 238 25.71 20.79 11.56
N TYR B 239 26.87 21.44 11.39
CA TYR B 239 27.10 22.43 10.36
C TYR B 239 28.43 22.13 9.69
N HIS B 240 28.41 21.98 8.36
CA HIS B 240 29.60 21.68 7.57
C HIS B 240 29.84 22.80 6.58
N ASN B 241 31.09 23.26 6.50
CA ASN B 241 31.49 24.22 5.48
C ASN B 241 32.85 23.85 4.93
N GLY B 242 33.06 22.57 4.67
CA GLY B 242 34.37 22.09 4.23
C GLY B 242 35.29 21.79 5.43
N ASP B 243 36.31 22.63 5.62
CA ASP B 243 37.17 22.47 6.77
C ASP B 243 36.41 22.70 8.07
N LYS B 244 35.55 23.71 8.10
CA LYS B 244 34.81 24.04 9.32
C LYS B 244 33.71 23.01 9.57
N TYR B 245 33.66 22.53 10.81
CA TYR B 245 32.66 21.55 11.22
C TYR B 245 32.26 21.82 12.66
N LEU B 246 30.97 21.96 12.90
CA LEU B 246 30.45 22.23 14.23
C LEU B 246 29.28 21.30 14.51
N ALA B 247 29.05 21.01 15.79
CA ALA B 247 27.98 20.09 16.15
C ALA B 247 27.49 20.38 17.56
N ILE B 248 26.21 20.11 17.80
CA ILE B 248 25.61 20.24 19.12
C ILE B 248 24.51 19.20 19.24
N ALA B 249 24.23 18.80 20.48
CA ALA B 249 23.20 17.80 20.78
C ALA B 249 22.28 18.34 21.85
N PRO B 250 21.25 19.11 21.47
CA PRO B 250 20.32 19.66 22.45
C PRO B 250 19.45 18.58 23.06
N PRO B 251 19.50 18.40 24.38
CA PRO B 251 18.70 17.34 24.99
C PRO B 251 17.20 17.52 24.80
N ILE B 252 16.74 18.76 24.65
CA ILE B 252 15.31 19.05 24.60
C ILE B 252 14.71 18.60 23.28
N ILE B 253 15.53 18.00 22.42
CA ILE B 253 15.05 17.52 21.13
C ILE B 253 14.87 16.01 21.09
N LYS B 254 15.40 15.27 22.07
CA LYS B 254 15.35 13.81 22.01
C LYS B 254 13.92 13.27 22.01
N GLN B 255 12.95 14.05 22.48
CA GLN B 255 11.59 13.52 22.64
C GLN B 255 10.91 13.32 21.29
N SER B 256 11.02 14.30 20.39
CA SER B 256 10.32 14.26 19.11
C SER B 256 11.32 14.33 17.97
N THR B 257 10.81 14.16 16.75
CA THR B 257 11.62 14.15 15.54
C THR B 257 11.27 15.35 14.69
N ILE B 258 12.27 16.19 14.39
CA ILE B 258 12.03 17.35 13.56
C ILE B 258 11.61 16.89 12.17
N VAL B 259 10.55 17.51 11.64
CA VAL B 259 10.02 17.08 10.35
C VAL B 259 9.82 18.27 9.42
N CYS B 260 9.80 19.48 9.96
CA CYS B 260 9.63 20.66 9.12
C CYS B 260 10.57 21.76 9.58
N HIS B 261 10.93 22.64 8.65
CA HIS B 261 11.80 23.76 8.96
C HIS B 261 11.49 24.92 8.04
N ASN B 262 11.87 26.12 8.48
CA ASN B 262 11.73 27.30 7.65
C ASN B 262 12.71 28.36 8.10
N ARG B 263 12.99 29.31 7.21
CA ARG B 263 13.97 30.35 7.46
C ARG B 263 13.27 31.66 7.81
N VAL B 264 13.79 32.34 8.83
CA VAL B 264 13.19 33.58 9.31
C VAL B 264 13.92 34.79 8.74
N ASP B 265 15.20 34.92 9.08
CA ASP B 265 15.89 36.11 8.60
C ASP B 265 16.48 35.86 7.21
N PRO B 266 16.57 36.91 6.39
CA PRO B 266 17.14 36.73 5.05
C PRO B 266 18.57 36.23 5.06
N ASN B 267 19.37 36.62 6.05
CA ASN B 267 20.76 36.22 6.13
C ASN B 267 20.98 34.94 6.93
N GLY B 268 19.92 34.17 7.16
CA GLY B 268 20.06 32.88 7.82
C GLY B 268 20.57 32.96 9.24
N SER B 269 20.17 33.98 9.99
CA SER B 269 20.56 34.08 11.39
C SER B 269 19.60 33.36 12.33
N ARG B 270 18.45 32.90 11.83
CA ARG B 270 17.49 32.19 12.66
C ARG B 270 16.68 31.24 11.80
N TYR B 271 16.06 30.25 12.45
CA TYR B 271 15.24 29.28 11.76
C TYR B 271 14.13 28.80 12.70
N LEU B 272 13.06 28.32 12.10
CA LEU B 272 11.94 27.72 12.81
C LEU B 272 11.93 26.22 12.53
N LEU B 273 11.78 25.42 13.59
CA LEU B 273 11.79 23.97 13.48
C LEU B 273 10.51 23.39 14.07
N GLY B 274 9.93 22.42 13.38
CA GLY B 274 8.70 21.80 13.81
C GLY B 274 8.77 20.28 13.85
N ASP B 275 8.42 19.71 15.01
CA ASP B 275 8.51 18.29 15.28
C ASP B 275 7.16 17.62 15.07
N MET B 276 7.06 16.35 15.46
CA MET B 276 5.85 15.57 15.25
C MET B 276 4.74 15.86 16.25
N GLU B 277 5.07 16.37 17.44
CA GLU B 277 4.11 16.48 18.52
C GLU B 277 3.66 17.93 18.74
N GLY B 278 3.49 18.67 17.65
CA GLY B 278 2.98 20.03 17.78
C GLY B 278 3.85 20.94 18.61
N ARG B 279 5.17 20.85 18.44
CA ARG B 279 6.12 21.73 19.12
C ARG B 279 6.82 22.60 18.09
N LEU B 280 7.25 23.78 18.55
CA LEU B 280 7.87 24.77 17.69
C LEU B 280 9.12 25.30 18.39
N PHE B 281 10.27 25.09 17.75
CA PHE B 281 11.56 25.52 18.26
C PHE B 281 12.12 26.64 17.39
N MET B 282 12.99 27.46 17.98
CA MET B 282 13.67 28.55 17.29
C MET B 282 15.16 28.29 17.38
N LEU B 283 15.78 28.01 16.24
CA LEU B 283 17.21 27.73 16.15
C LEU B 283 17.96 29.01 15.80
N LEU B 284 19.02 29.30 16.53
CA LEU B 284 19.79 30.52 16.34
C LEU B 284 21.20 30.19 15.89
N LEU B 285 21.76 31.08 15.07
CA LEU B 285 23.12 30.96 14.57
C LEU B 285 23.89 32.22 14.93
N GLU B 286 24.86 32.09 15.83
CA GLU B 286 25.68 33.21 16.22
C GLU B 286 26.74 33.49 15.16
N LYS B 287 27.15 34.76 15.07
CA LYS B 287 28.08 35.22 14.04
C LYS B 287 29.28 35.87 14.69
N GLU B 288 30.46 35.64 14.13
CA GLU B 288 31.69 36.24 14.61
C GLU B 288 32.49 36.80 13.45
N GLU B 289 32.97 38.04 13.61
CA GLU B 289 33.79 38.70 12.61
C GLU B 289 35.24 38.68 13.09
N GLN B 290 36.13 38.18 12.24
CA GLN B 290 37.55 38.10 12.56
C GLN B 290 38.33 38.95 11.55
N MET B 291 39.13 39.88 12.06
CA MET B 291 39.97 40.72 11.22
C MET B 291 39.15 41.36 10.11
N ASP B 292 39.55 41.13 8.86
CA ASP B 292 38.82 41.64 7.70
C ASP B 292 38.36 40.49 6.81
N GLY B 293 37.87 39.40 7.42
CA GLY B 293 37.43 38.24 6.67
C GLY B 293 35.96 37.96 6.86
N THR B 294 35.40 37.22 5.91
CA THR B 294 33.98 36.90 5.97
C THR B 294 33.60 36.29 7.31
N VAL B 295 32.50 36.77 7.87
CA VAL B 295 32.03 36.32 9.18
C VAL B 295 31.89 34.80 9.19
N THR B 296 32.05 34.21 10.38
CA THR B 296 32.00 32.76 10.56
C THR B 296 31.04 32.40 11.69
N LEU B 297 30.62 31.15 11.70
CA LEU B 297 29.79 30.65 12.77
C LEU B 297 30.63 30.49 14.04
N LYS B 298 29.95 30.54 15.18
CA LYS B 298 30.61 30.38 16.46
C LYS B 298 29.96 29.28 17.28
N ASP B 299 28.64 29.13 17.16
CA ASP B 299 27.91 28.18 17.98
C ASP B 299 26.47 28.14 17.50
N LEU B 300 25.70 27.22 18.09
CA LEU B 300 24.30 27.04 17.75
C LEU B 300 23.51 26.84 19.03
N ARG B 301 22.25 27.25 18.98
CA ARG B 301 21.34 27.13 20.11
C ARG B 301 19.95 26.80 19.59
N VAL B 302 19.17 26.11 20.42
CA VAL B 302 17.77 25.82 20.14
C VAL B 302 16.95 26.20 21.36
N GLU B 303 15.88 26.97 21.14
CA GLU B 303 14.97 27.39 22.20
C GLU B 303 13.57 26.94 21.87
N LEU B 304 12.88 26.40 22.88
CA LEU B 304 11.52 25.89 22.69
C LEU B 304 10.56 27.07 22.64
N LEU B 305 10.16 27.46 21.42
CA LEU B 305 9.21 28.56 21.28
C LEU B 305 7.89 28.22 21.96
N GLY B 306 7.31 27.07 21.63
CA GLY B 306 6.05 26.71 22.26
C GLY B 306 5.38 25.54 21.59
N GLU B 307 4.05 25.51 21.71
CA GLU B 307 3.23 24.43 21.16
C GLU B 307 2.18 24.99 20.22
N THR B 308 1.89 24.22 19.16
CA THR B 308 0.87 24.57 18.20
C THR B 308 0.22 23.27 17.72
N SER B 309 -0.54 23.35 16.63
CA SER B 309 -1.09 22.15 16.03
C SER B 309 0.03 21.32 15.42
N ILE B 310 -0.25 20.04 15.20
CA ILE B 310 0.70 19.18 14.53
C ILE B 310 1.02 19.80 13.18
N ALA B 311 2.26 20.24 12.98
CA ALA B 311 2.61 21.07 11.85
C ALA B 311 3.14 20.23 10.71
N GLU B 312 2.63 20.50 9.51
CA GLU B 312 3.16 19.89 8.30
C GLU B 312 4.05 20.84 7.51
N CYS B 313 3.81 22.14 7.60
CA CYS B 313 4.66 23.13 6.96
C CYS B 313 4.58 24.43 7.75
N LEU B 314 5.68 25.16 7.78
CA LEU B 314 5.78 26.42 8.51
C LEU B 314 6.15 27.55 7.55
N THR B 315 5.68 28.74 7.86
CA THR B 315 6.10 29.90 7.07
C THR B 315 6.03 31.16 7.91
N TYR B 316 7.11 31.93 7.94
CA TYR B 316 7.17 33.19 8.66
C TYR B 316 6.74 34.31 7.72
N LEU B 317 5.68 35.04 8.09
CA LEU B 317 5.15 36.08 7.22
C LEU B 317 5.75 37.44 7.53
N ASP B 318 5.54 37.94 8.76
CA ASP B 318 6.09 39.22 9.14
C ASP B 318 5.76 39.55 10.60
N ASN B 319 6.59 40.37 11.23
CA ASN B 319 6.31 40.88 12.58
C ASN B 319 6.02 39.74 13.54
N GLY B 320 6.81 38.66 13.42
CA GLY B 320 6.60 37.51 14.30
C GLY B 320 5.28 36.83 14.11
N VAL B 321 4.74 36.82 12.89
CA VAL B 321 3.52 36.10 12.55
C VAL B 321 3.92 34.87 11.76
N VAL B 322 3.33 33.73 12.10
CA VAL B 322 3.70 32.45 11.51
C VAL B 322 2.45 31.73 11.06
N PHE B 323 2.50 31.14 9.87
CA PHE B 323 1.45 30.26 9.37
C PHE B 323 1.91 28.82 9.55
N VAL B 324 1.08 28.03 10.23
CA VAL B 324 1.32 26.62 10.47
C VAL B 324 0.26 25.84 9.71
N GLY B 325 0.69 25.20 8.61
CA GLY B 325 -0.20 24.36 7.84
C GLY B 325 -0.10 22.93 8.30
N SER B 326 -1.26 22.34 8.62
CA SER B 326 -1.31 21.01 9.21
C SER B 326 -2.25 20.13 8.40
N ARG B 327 -2.01 18.82 8.49
CA ARG B 327 -2.85 17.84 7.82
C ARG B 327 -3.76 17.06 8.76
N LEU B 328 -3.39 16.94 10.03
CA LEU B 328 -4.19 16.20 11.01
C LEU B 328 -5.13 17.10 11.80
N GLY B 329 -5.15 18.40 11.52
CA GLY B 329 -6.00 19.30 12.26
C GLY B 329 -6.20 20.60 11.52
N ASP B 330 -6.71 21.59 12.25
CA ASP B 330 -6.96 22.90 11.67
C ASP B 330 -5.65 23.64 11.45
N SER B 331 -5.56 24.35 10.34
CA SER B 331 -4.41 25.20 10.10
C SER B 331 -4.47 26.41 11.03
N GLN B 332 -3.31 26.98 11.32
CA GLN B 332 -3.24 28.05 12.31
C GLN B 332 -2.42 29.22 11.82
N LEU B 333 -2.72 30.39 12.36
CA LEU B 333 -1.94 31.61 12.17
C LEU B 333 -1.68 32.18 13.55
N VAL B 334 -0.43 32.12 13.99
CA VAL B 334 -0.05 32.44 15.36
C VAL B 334 0.94 33.58 15.35
N LYS B 335 1.21 34.12 16.54
CA LYS B 335 2.14 35.22 16.70
C LYS B 335 3.22 34.86 17.71
N LEU B 336 4.36 35.52 17.60
CA LEU B 336 5.48 35.34 18.49
C LEU B 336 5.73 36.65 19.25
N ASN B 337 5.90 36.55 20.55
CA ASN B 337 6.14 37.69 21.41
C ASN B 337 7.54 37.61 22.00
N VAL B 338 8.18 38.77 22.16
CA VAL B 338 9.53 38.79 22.71
C VAL B 338 9.54 38.25 24.13
N ASP B 339 8.56 38.64 24.94
CA ASP B 339 8.47 38.17 26.30
C ASP B 339 7.81 36.79 26.34
N SER B 340 7.58 36.28 27.55
CA SER B 340 6.99 34.97 27.75
C SER B 340 5.85 35.07 28.73
N ASN B 341 4.76 34.34 28.44
CA ASN B 341 3.65 34.26 29.36
C ASN B 341 4.07 33.49 30.62
N GLU B 342 3.14 33.40 31.57
CA GLU B 342 3.46 32.71 32.82
C GLU B 342 3.81 31.26 32.58
N GLN B 343 3.07 30.58 31.70
CA GLN B 343 3.38 29.18 31.40
C GLN B 343 4.76 29.04 30.78
N GLY B 344 5.19 30.03 30.01
CA GLY B 344 6.50 30.00 29.37
C GLY B 344 6.50 29.86 27.87
N SER B 345 5.36 29.98 27.20
CA SER B 345 5.27 29.84 25.76
C SER B 345 5.25 31.21 25.10
N TYR B 346 6.00 31.35 24.02
CA TYR B 346 6.08 32.60 23.28
C TYR B 346 5.04 32.70 22.17
N VAL B 347 4.18 31.69 22.01
CA VAL B 347 3.22 31.65 20.92
C VAL B 347 1.86 32.07 21.44
N VAL B 348 1.18 32.93 20.70
CA VAL B 348 -0.17 33.39 21.02
C VAL B 348 -1.05 33.10 19.81
N ALA B 349 -2.02 32.21 19.98
CA ALA B 349 -2.89 31.86 18.87
C ALA B 349 -3.66 33.09 18.38
N MET B 350 -3.76 33.21 17.05
CA MET B 350 -4.44 34.33 16.43
C MET B 350 -5.65 33.90 15.62
N GLU B 351 -5.50 32.92 14.73
CA GLU B 351 -6.57 32.57 13.82
C GLU B 351 -6.47 31.10 13.47
N THR B 352 -7.60 30.50 13.12
CA THR B 352 -7.66 29.08 12.80
C THR B 352 -8.48 28.86 11.54
N PHE B 353 -8.17 27.76 10.84
CA PHE B 353 -8.87 27.37 9.63
C PHE B 353 -9.25 25.90 9.72
N THR B 354 -10.50 25.60 9.38
CA THR B 354 -11.03 24.26 9.55
C THR B 354 -10.33 23.25 8.65
N ASN B 355 -10.36 21.99 9.07
CA ASN B 355 -9.75 20.91 8.29
C ASN B 355 -10.50 19.63 8.65
N LEU B 356 -11.44 19.23 7.79
CA LEU B 356 -12.23 18.03 8.06
C LEU B 356 -11.36 16.78 8.05
N GLY B 357 -10.44 16.68 7.11
CA GLY B 357 -9.63 15.49 6.97
C GLY B 357 -8.65 15.32 8.10
N PRO B 358 -8.24 14.07 8.35
CA PRO B 358 -8.68 12.85 7.67
C PRO B 358 -10.06 12.42 8.14
N ILE B 359 -10.83 11.73 7.31
CA ILE B 359 -12.13 11.22 7.67
C ILE B 359 -12.02 9.71 7.80
N VAL B 360 -12.25 9.19 9.00
CA VAL B 360 -12.10 7.78 9.26
C VAL B 360 -13.44 7.06 9.35
N ASP B 361 -14.54 7.78 9.53
CA ASP B 361 -15.86 7.17 9.58
C ASP B 361 -16.90 8.27 9.68
N MET B 362 -18.13 7.94 9.28
CA MET B 362 -19.19 8.94 9.22
C MET B 362 -20.53 8.25 9.22
N CYS B 363 -21.57 9.04 9.47
CA CYS B 363 -22.95 8.58 9.40
C CYS B 363 -23.84 9.73 9.00
N VAL B 364 -25.03 9.40 8.50
CA VAL B 364 -26.02 10.37 8.09
C VAL B 364 -27.25 10.18 8.96
N VAL B 365 -27.73 11.27 9.54
CA VAL B 365 -28.84 11.23 10.47
C VAL B 365 -29.76 12.41 10.18
N ASP B 366 -30.81 12.55 10.99
CA ASP B 366 -31.73 13.68 10.90
C ASP B 366 -32.07 14.12 12.32
N LEU B 367 -31.26 15.04 12.86
CA LEU B 367 -31.43 15.47 14.23
C LEU B 367 -32.69 16.33 14.39
N GLU B 368 -33.02 17.15 13.39
CA GLU B 368 -34.17 18.03 13.48
C GLU B 368 -35.48 17.33 13.16
N ARG B 369 -35.44 16.06 12.76
CA ARG B 369 -36.59 15.24 12.41
C ARG B 369 -37.23 15.69 11.11
N GLN B 370 -36.68 16.67 10.42
CA GLN B 370 -37.20 17.11 9.14
C GLN B 370 -36.77 16.12 8.05
N GLY B 371 -36.95 16.49 6.80
CA GLY B 371 -36.43 15.68 5.71
C GLY B 371 -34.97 15.95 5.36
N GLN B 372 -34.38 16.97 5.96
CA GLN B 372 -33.02 17.39 5.65
C GLN B 372 -32.04 16.64 6.53
N GLY B 373 -31.08 15.96 5.90
CA GLY B 373 -30.12 15.17 6.63
C GLY B 373 -28.89 15.95 7.05
N GLN B 374 -28.18 15.40 8.03
CA GLN B 374 -26.94 15.97 8.53
C GLN B 374 -25.89 14.86 8.62
N LEU B 375 -24.64 15.26 8.43
CA LEU B 375 -23.53 14.32 8.34
C LEU B 375 -22.64 14.48 9.57
N VAL B 376 -22.37 13.37 10.26
CA VAL B 376 -21.52 13.38 11.43
C VAL B 376 -20.29 12.53 11.12
N THR B 377 -19.11 13.13 11.24
CA THR B 377 -17.86 12.48 10.85
C THR B 377 -16.87 12.52 12.01
N CYS B 378 -15.97 11.53 12.01
CA CYS B 378 -14.87 11.48 12.97
C CYS B 378 -13.61 11.98 12.28
N SER B 379 -13.12 13.15 12.68
CA SER B 379 -12.06 13.84 11.96
C SER B 379 -10.83 13.99 12.85
N GLY B 380 -9.66 13.92 12.21
CA GLY B 380 -8.41 14.16 12.90
C GLY B 380 -7.86 12.93 13.60
N ALA B 381 -6.69 13.13 14.21
CA ALA B 381 -6.03 12.07 14.96
C ALA B 381 -5.22 12.69 16.09
N PHE B 382 -4.93 11.87 17.09
CA PHE B 382 -4.15 12.29 18.25
C PHE B 382 -4.85 13.49 18.88
N LYS B 383 -4.11 14.46 19.41
CA LYS B 383 -4.73 15.56 20.15
C LYS B 383 -5.60 16.43 19.25
N GLU B 384 -5.64 16.12 17.96
CA GLU B 384 -6.47 16.84 17.01
C GLU B 384 -7.79 16.14 16.72
N GLY B 385 -8.05 15.00 17.34
CA GLY B 385 -9.29 14.29 17.07
C GLY B 385 -10.50 15.12 17.47
N SER B 386 -11.61 14.88 16.79
CA SER B 386 -12.84 15.61 17.07
C SER B 386 -13.97 15.05 16.22
N LEU B 387 -15.18 15.50 16.52
CA LEU B 387 -16.36 15.22 15.72
C LEU B 387 -16.75 16.44 14.91
N ARG B 388 -17.23 16.20 13.69
CA ARG B 388 -17.66 17.27 12.81
C ARG B 388 -19.11 17.04 12.42
N ILE B 389 -19.93 18.06 12.59
CA ILE B 389 -21.33 18.04 12.16
C ILE B 389 -21.44 18.98 10.96
N ILE B 390 -21.81 18.43 9.81
CA ILE B 390 -21.96 19.18 8.57
C ILE B 390 -23.43 19.20 8.21
N ARG B 391 -23.94 20.38 7.91
CA ARG B 391 -25.33 20.53 7.48
C ARG B 391 -25.40 21.63 6.44
N ASN B 392 -26.27 21.44 5.44
CA ASN B 392 -26.43 22.42 4.38
C ASN B 392 -27.25 23.61 4.89
N GLY B 393 -26.74 24.81 4.64
CA GLY B 393 -27.41 26.02 5.09
C GLY B 393 -27.80 26.94 3.96
N LYS B 405 -22.99 27.30 0.60
CA LYS B 405 -21.91 26.94 1.52
C LYS B 405 -22.39 25.91 2.54
N LEU B 406 -21.47 25.13 3.06
CA LEU B 406 -21.77 24.14 4.09
C LEU B 406 -21.50 24.72 5.47
N HIS B 407 -22.39 24.41 6.41
CA HIS B 407 -22.23 24.84 7.79
C HIS B 407 -21.60 23.69 8.57
N ILE B 408 -20.51 24.00 9.28
CA ILE B 408 -19.71 23.00 9.98
C ILE B 408 -19.60 23.37 11.45
N ARG B 409 -19.76 22.39 12.32
CA ARG B 409 -19.60 22.57 13.75
C ARG B 409 -18.63 21.50 14.27
N THR B 410 -17.74 21.91 15.17
CA THR B 410 -16.67 21.06 15.64
C THR B 410 -16.81 20.78 17.13
N VAL B 411 -16.56 19.53 17.51
CA VAL B 411 -16.56 19.12 18.91
C VAL B 411 -15.23 18.46 19.22
N PRO B 412 -14.34 19.11 19.96
CA PRO B 412 -13.04 18.49 20.26
C PRO B 412 -13.17 17.29 21.17
N LEU B 413 -12.22 16.36 21.03
CA LEU B 413 -12.20 15.16 21.87
C LEU B 413 -10.83 14.98 22.52
N TYR B 414 -9.77 15.34 21.80
CA TYR B 414 -8.40 15.19 22.30
C TYR B 414 -7.94 13.74 22.28
N GLU B 415 -8.46 12.94 21.35
CA GLU B 415 -8.02 11.56 21.18
C GLU B 415 -8.49 11.10 19.81
N SER B 416 -8.15 9.86 19.45
CA SER B 416 -8.37 9.38 18.10
C SER B 416 -9.70 8.65 18.02
N PRO B 417 -10.73 9.20 17.37
CA PRO B 417 -11.95 8.43 17.13
C PRO B 417 -11.78 7.49 15.95
N ARG B 418 -12.55 6.40 15.97
CA ARG B 418 -12.39 5.37 14.96
C ARG B 418 -13.70 4.93 14.33
N LYS B 419 -14.80 5.03 15.08
CA LYS B 419 -16.08 4.55 14.60
C LYS B 419 -17.19 5.38 15.22
N ILE B 420 -18.38 5.32 14.62
CA ILE B 420 -19.52 6.07 15.11
C ILE B 420 -20.79 5.40 14.59
N CYS B 421 -21.85 5.45 15.39
CA CYS B 421 -23.15 4.93 14.99
C CYS B 421 -24.22 5.71 15.76
N TYR B 422 -25.46 5.58 15.31
CA TYR B 422 -26.57 6.34 15.88
C TYR B 422 -27.66 5.40 16.37
N GLN B 423 -28.30 5.79 17.47
CA GLN B 423 -29.37 5.01 18.09
C GLN B 423 -30.49 5.98 18.47
N GLU B 424 -31.54 6.03 17.65
CA GLU B 424 -32.57 7.05 17.84
C GLU B 424 -33.24 6.92 19.20
N VAL B 425 -33.60 5.70 19.59
CA VAL B 425 -34.46 5.53 20.76
C VAL B 425 -33.80 6.13 22.00
N SER B 426 -32.50 5.89 22.18
CA SER B 426 -31.79 6.46 23.31
C SER B 426 -31.33 7.89 23.06
N GLN B 427 -31.36 8.36 21.82
CA GLN B 427 -30.92 9.70 21.48
C GLN B 427 -29.46 9.93 21.90
N CYS B 428 -28.57 9.13 21.31
CA CYS B 428 -27.16 9.21 21.66
C CYS B 428 -26.33 8.61 20.54
N PHE B 429 -25.04 8.96 20.55
CA PHE B 429 -24.05 8.43 19.63
C PHE B 429 -23.09 7.52 20.38
N GLY B 430 -22.78 6.36 19.79
CA GLY B 430 -21.75 5.49 20.30
C GLY B 430 -20.51 5.59 19.43
N VAL B 431 -19.38 5.89 20.06
CA VAL B 431 -18.13 6.12 19.35
C VAL B 431 -17.04 5.23 19.93
N LEU B 432 -16.32 4.55 19.07
CA LEU B 432 -15.09 3.86 19.45
C LEU B 432 -13.94 4.85 19.36
N SER B 433 -13.04 4.82 20.33
CA SER B 433 -11.93 5.75 20.33
C SER B 433 -10.71 5.10 20.97
N SER B 434 -9.56 5.74 20.79
CA SER B 434 -8.33 5.28 21.40
C SER B 434 -7.47 6.47 21.77
N ARG B 435 -6.71 6.31 22.85
CA ARG B 435 -5.80 7.34 23.32
C ARG B 435 -4.46 6.71 23.64
N ILE B 436 -3.41 7.53 23.64
CA ILE B 436 -2.05 7.07 23.85
C ILE B 436 -1.70 7.22 25.32
N GLU B 437 -1.17 6.16 25.91
CA GLU B 437 -0.69 6.20 27.29
C GLU B 437 0.73 5.68 27.36
N VAL B 438 1.46 6.15 28.35
CA VAL B 438 2.87 5.79 28.52
C VAL B 438 3.02 4.92 29.75
N GLN B 439 3.87 3.90 29.65
CA GLN B 439 4.12 2.99 30.76
C GLN B 439 4.78 3.74 31.91
N ASP B 440 4.43 3.34 33.14
CA ASP B 440 4.95 3.96 34.34
C ASP B 440 6.11 3.14 34.92
N THR B 441 6.82 3.74 35.88
CA THR B 441 7.92 3.04 36.52
C THR B 441 7.43 1.81 37.27
N SER B 442 6.34 1.94 38.02
CA SER B 442 5.81 0.82 38.80
C SER B 442 5.17 -0.25 37.94
N GLY B 443 4.90 0.03 36.66
CA GLY B 443 4.19 -0.91 35.82
C GLY B 443 2.72 -0.57 35.71
N GLY B 444 2.32 -0.02 34.58
CA GLY B 444 0.95 0.42 34.38
C GLY B 444 0.86 1.36 33.19
N THR B 445 -0.10 2.27 33.28
CA THR B 445 -0.35 3.22 32.20
C THR B 445 -0.69 4.59 32.79
N THR B 446 -0.17 5.64 32.17
CA THR B 446 -0.53 7.00 32.52
C THR B 446 -0.85 7.78 31.26
N ALA B 447 -1.94 8.54 31.30
CA ALA B 447 -2.36 9.33 30.16
C ALA B 447 -1.45 10.55 30.01
N LEU B 448 -1.45 11.10 28.79
CA LEU B 448 -0.62 12.25 28.49
C LEU B 448 -1.33 13.58 28.69
N ARG B 449 -2.65 13.60 28.61
CA ARG B 449 -3.40 14.85 28.73
C ARG B 449 -4.85 14.51 29.02
N PRO B 450 -5.63 15.46 29.54
CA PRO B 450 -7.06 15.23 29.69
C PRO B 450 -7.71 14.96 28.35
N SER B 451 -8.67 14.04 28.36
CA SER B 451 -9.34 13.64 27.12
C SER B 451 -10.80 13.34 27.44
N ALA B 452 -11.58 13.07 26.39
CA ALA B 452 -12.98 12.73 26.58
C ALA B 452 -13.13 11.39 27.30
N SER B 453 -12.22 10.46 27.04
CA SER B 453 -12.33 9.14 27.64
C SER B 453 -12.23 9.19 29.15
N THR B 454 -11.36 10.04 29.68
CA THR B 454 -11.13 10.11 31.12
C THR B 454 -12.00 11.14 31.83
N GLN B 455 -12.82 11.89 31.09
CA GLN B 455 -13.66 12.93 31.67
C GLN B 455 -15.15 12.61 31.58
N ALA B 456 -15.49 11.34 31.39
CA ALA B 456 -16.90 10.96 31.33
C ALA B 456 -17.55 11.13 32.69
N LEU B 457 -18.83 11.54 32.67
CA LEU B 457 -19.56 11.68 33.92
C LEU B 457 -19.58 10.38 34.71
N SER B 458 -19.86 9.27 34.02
CA SER B 458 -19.79 7.95 34.61
C SER B 458 -18.77 7.12 33.85
N SER B 459 -18.07 6.24 34.56
CA SER B 459 -17.03 5.43 33.99
C SER B 459 -17.22 3.98 34.40
N SER B 460 -16.69 3.08 33.58
CA SER B 460 -16.75 1.65 33.84
C SER B 460 -15.58 0.98 33.15
N VAL B 461 -15.25 -0.22 33.61
CA VAL B 461 -14.14 -0.99 33.06
C VAL B 461 -14.63 -2.41 32.80
N SER B 462 -14.35 -2.93 31.61
CA SER B 462 -14.75 -4.29 31.28
C SER B 462 -14.07 -5.28 32.22
N SER B 463 -14.86 -6.21 32.74
CA SER B 463 -14.36 -7.23 33.68
C SER B 463 -14.99 -8.57 33.28
N SER B 464 -14.28 -9.32 32.44
CA SER B 464 -14.75 -10.60 31.96
C SER B 464 -13.90 -11.77 32.43
N LYS B 465 -12.58 -11.63 32.42
CA LYS B 465 -11.69 -12.70 32.87
C LYS B 465 -11.79 -13.94 31.97
N LEU B 466 -12.26 -13.76 30.74
CA LEU B 466 -12.48 -14.90 29.86
C LEU B 466 -11.19 -15.47 29.28
N PHE B 467 -10.05 -14.80 29.49
CA PHE B 467 -8.77 -15.27 28.98
C PHE B 467 -7.72 -15.48 30.06
N SER B 468 -7.96 -15.04 31.28
CA SER B 468 -6.98 -15.18 32.36
C SER B 468 -5.71 -14.39 32.05
N THR B 476 6.94 -6.40 28.50
CA THR B 476 6.83 -4.95 28.59
C THR B 476 8.14 -4.33 29.05
N SER B 477 8.17 -3.01 29.15
CA SER B 477 9.35 -2.29 29.60
C SER B 477 8.91 -0.90 30.08
N PHE B 478 9.88 -0.02 30.29
CA PHE B 478 9.61 1.35 30.70
C PHE B 478 9.77 2.29 29.52
N GLY B 479 8.91 3.30 29.46
CA GLY B 479 8.93 4.27 28.39
C GLY B 479 8.20 3.86 27.13
N GLU B 480 7.67 2.64 27.07
CA GLU B 480 6.92 2.21 25.91
C GLU B 480 5.56 2.90 25.86
N GLU B 481 4.95 2.88 24.68
CA GLU B 481 3.66 3.49 24.45
C GLU B 481 2.62 2.42 24.17
N VAL B 482 1.41 2.63 24.69
CA VAL B 482 0.30 1.72 24.49
C VAL B 482 -0.94 2.52 24.09
N GLU B 483 -1.87 1.83 23.46
CA GLU B 483 -3.16 2.40 23.06
C GLU B 483 -4.24 1.86 23.98
N VAL B 484 -5.04 2.76 24.55
CA VAL B 484 -6.17 2.40 25.37
C VAL B 484 -7.43 2.71 24.58
N HIS B 485 -8.26 1.69 24.37
CA HIS B 485 -9.49 1.82 23.62
C HIS B 485 -10.67 2.07 24.55
N ASN B 486 -11.66 2.79 24.04
CA ASN B 486 -12.81 3.17 24.85
C ASN B 486 -14.04 3.25 23.96
N LEU B 487 -15.19 3.08 24.61
CA LEU B 487 -16.49 3.30 24.00
C LEU B 487 -17.14 4.48 24.70
N LEU B 488 -17.50 5.50 23.93
CA LEU B 488 -18.04 6.75 24.45
C LEU B 488 -19.49 6.89 24.01
N ILE B 489 -20.36 7.12 24.98
CA ILE B 489 -21.76 7.44 24.74
C ILE B 489 -21.91 8.94 24.88
N ILE B 490 -22.31 9.60 23.79
CA ILE B 490 -22.33 11.05 23.68
C ILE B 490 -23.75 11.51 23.41
N ASP B 491 -24.18 12.55 24.11
CA ASP B 491 -25.50 13.12 23.86
C ASP B 491 -25.59 13.66 22.44
N GLN B 492 -26.82 13.88 21.99
CA GLN B 492 -27.07 14.31 20.62
C GLN B 492 -27.53 15.76 20.51
N HIS B 493 -27.62 16.48 21.62
CA HIS B 493 -27.97 17.90 21.59
C HIS B 493 -26.81 18.79 22.03
N THR B 494 -26.23 18.52 23.19
CA THR B 494 -25.12 19.31 23.71
C THR B 494 -23.76 18.73 23.34
N PHE B 495 -23.71 17.51 22.80
CA PHE B 495 -22.46 16.87 22.42
C PHE B 495 -21.50 16.79 23.60
N GLU B 496 -22.02 16.36 24.75
CA GLU B 496 -21.21 16.16 25.93
C GLU B 496 -21.10 14.66 26.23
N VAL B 497 -19.95 14.25 26.73
CA VAL B 497 -19.67 12.83 26.93
C VAL B 497 -20.52 12.31 28.08
N LEU B 498 -21.56 11.56 27.76
CA LEU B 498 -22.44 11.01 28.79
C LEU B 498 -21.77 9.87 29.55
N HIS B 499 -21.13 8.96 28.83
CA HIS B 499 -20.60 7.76 29.47
C HIS B 499 -19.33 7.31 28.77
N ALA B 500 -18.46 6.64 29.52
CA ALA B 500 -17.23 6.07 28.98
C ALA B 500 -17.06 4.66 29.52
N HIS B 501 -16.63 3.75 28.65
CA HIS B 501 -16.39 2.35 29.03
C HIS B 501 -15.05 1.92 28.46
N GLN B 502 -14.18 1.41 29.32
CA GLN B 502 -12.85 0.99 28.90
C GLN B 502 -12.80 -0.51 28.68
N PHE B 503 -12.01 -0.91 27.69
CA PHE B 503 -11.86 -2.32 27.35
C PHE B 503 -10.67 -2.93 28.09
N LEU B 504 -10.54 -4.25 27.99
CA LEU B 504 -9.45 -4.94 28.65
C LEU B 504 -8.11 -4.53 28.04
N GLN B 505 -7.07 -4.59 28.86
CA GLN B 505 -5.74 -4.26 28.40
C GLN B 505 -5.29 -5.23 27.31
N ASN B 506 -4.55 -4.71 26.33
CA ASN B 506 -4.08 -5.44 25.17
C ASN B 506 -5.20 -5.77 24.17
N GLU B 507 -6.36 -5.16 24.33
CA GLU B 507 -7.50 -5.45 23.48
C GLU B 507 -7.67 -4.38 22.40
N TYR B 508 -8.28 -4.76 21.29
CA TYR B 508 -8.48 -3.87 20.16
C TYR B 508 -9.95 -3.92 19.76
N ALA B 509 -10.49 -2.79 19.33
CA ALA B 509 -11.87 -2.70 18.87
C ALA B 509 -11.88 -2.51 17.36
N LEU B 510 -12.71 -3.27 16.66
CA LEU B 510 -12.68 -3.25 15.20
C LEU B 510 -13.99 -2.86 14.56
N SER B 511 -15.13 -3.30 15.09
CA SER B 511 -16.42 -3.08 14.47
C SER B 511 -17.43 -2.62 15.50
N LEU B 512 -18.47 -1.94 15.02
CA LEU B 512 -19.50 -1.39 15.91
C LEU B 512 -20.81 -1.30 15.13
N VAL B 513 -21.90 -1.77 15.75
CA VAL B 513 -23.23 -1.69 15.18
C VAL B 513 -24.24 -1.45 16.30
N SER B 514 -25.45 -1.07 15.89
CA SER B 514 -26.56 -0.88 16.82
C SER B 514 -27.83 -1.32 16.14
N CYS B 515 -28.49 -2.35 16.67
CA CYS B 515 -29.64 -2.93 16.00
C CYS B 515 -30.45 -3.73 17.01
N LYS B 516 -31.53 -4.33 16.52
CA LYS B 516 -32.41 -5.18 17.30
C LYS B 516 -32.41 -6.59 16.72
N LEU B 517 -32.42 -7.59 17.58
CA LEU B 517 -32.28 -8.98 17.17
C LEU B 517 -33.51 -9.78 17.58
N GLY B 518 -33.98 -10.62 16.65
CA GLY B 518 -35.06 -11.53 16.96
C GLY B 518 -36.30 -10.79 17.43
N LYS B 519 -36.92 -11.32 18.48
CA LYS B 519 -38.13 -10.77 19.07
C LYS B 519 -37.84 -9.73 20.14
N ASP B 520 -36.58 -9.51 20.48
CA ASP B 520 -36.25 -8.57 21.53
C ASP B 520 -36.57 -7.15 21.08
N PRO B 521 -37.39 -6.41 21.82
CA PRO B 521 -37.74 -5.04 21.39
C PRO B 521 -36.70 -3.99 21.73
N ASN B 522 -35.70 -4.31 22.54
CA ASN B 522 -34.70 -3.34 22.92
C ASN B 522 -33.68 -3.13 21.81
N THR B 523 -32.88 -2.08 21.94
CA THR B 523 -31.82 -1.76 20.99
C THR B 523 -30.48 -1.79 21.70
N TYR B 524 -29.54 -2.54 21.17
CA TYR B 524 -28.24 -2.78 21.80
C TYR B 524 -27.12 -2.19 20.95
N PHE B 525 -25.97 -2.02 21.61
CA PHE B 525 -24.71 -1.78 20.92
C PHE B 525 -23.95 -3.10 20.87
N ILE B 526 -23.57 -3.53 19.68
CA ILE B 526 -22.84 -4.78 19.49
C ILE B 526 -21.45 -4.44 18.97
N VAL B 527 -20.43 -4.85 19.72
CA VAL B 527 -19.05 -4.45 19.45
C VAL B 527 -18.20 -5.70 19.24
N GLY B 528 -17.34 -5.65 18.22
CA GLY B 528 -16.42 -6.72 17.92
C GLY B 528 -14.99 -6.29 18.24
N THR B 529 -14.27 -7.19 18.91
CA THR B 529 -12.93 -6.86 19.38
C THR B 529 -12.01 -8.05 19.24
N ALA B 530 -10.72 -7.75 19.12
CA ALA B 530 -9.66 -8.73 18.92
C ALA B 530 -8.65 -8.66 20.05
N MET B 531 -7.98 -9.79 20.28
CA MET B 531 -6.96 -9.92 21.32
C MET B 531 -5.61 -10.11 20.64
N VAL B 532 -4.77 -9.08 20.69
CA VAL B 532 -3.51 -9.06 19.95
C VAL B 532 -2.36 -9.02 20.93
N TYR B 533 -1.30 -9.78 20.62
CA TYR B 533 -0.09 -9.77 21.41
C TYR B 533 1.12 -9.51 20.53
N PRO B 534 2.14 -8.82 21.03
CA PRO B 534 3.30 -8.51 20.18
C PRO B 534 3.99 -9.74 19.60
N GLU B 535 4.11 -10.83 20.37
CA GLU B 535 4.81 -12.01 19.87
C GLU B 535 4.04 -12.66 18.71
N GLU B 536 2.73 -12.84 18.88
CA GLU B 536 1.94 -13.43 17.82
C GLU B 536 1.81 -12.47 16.63
N ALA B 537 1.72 -13.04 15.44
CA ALA B 537 1.57 -12.26 14.23
C ALA B 537 0.12 -12.08 13.80
N GLU B 538 -0.74 -13.02 14.16
CA GLU B 538 -2.15 -12.95 13.80
C GLU B 538 -3.01 -13.20 15.03
N PRO B 539 -4.19 -12.58 15.09
CA PRO B 539 -5.07 -12.80 16.24
C PRO B 539 -5.56 -14.23 16.31
N LYS B 540 -5.85 -14.67 17.53
CA LYS B 540 -6.37 -16.02 17.75
C LYS B 540 -7.52 -16.06 18.73
N GLN B 541 -8.05 -14.92 19.15
CA GLN B 541 -9.12 -14.89 20.13
C GLN B 541 -9.71 -13.49 20.19
N GLY B 542 -11.04 -13.42 20.19
CA GLY B 542 -11.74 -12.16 20.17
C GLY B 542 -13.09 -12.27 20.85
N ARG B 543 -13.81 -11.16 20.89
CA ARG B 543 -15.07 -11.08 21.61
C ARG B 543 -16.11 -10.33 20.80
N ILE B 544 -17.36 -10.68 21.03
CA ILE B 544 -18.52 -9.91 20.61
C ILE B 544 -19.30 -9.56 21.87
N VAL B 545 -19.49 -8.26 22.11
CA VAL B 545 -20.08 -7.77 23.34
C VAL B 545 -21.36 -7.02 23.02
N VAL B 546 -22.43 -7.34 23.74
CA VAL B 546 -23.74 -6.71 23.58
C VAL B 546 -24.00 -5.87 24.83
N PHE B 547 -23.93 -4.55 24.66
CA PHE B 547 -24.22 -3.58 25.71
C PHE B 547 -25.62 -3.00 25.51
N GLN B 548 -26.25 -2.61 26.62
CA GLN B 548 -27.49 -1.86 26.58
C GLN B 548 -27.32 -0.61 27.43
N TYR B 549 -27.65 0.54 26.86
CA TYR B 549 -27.54 1.82 27.55
C TYR B 549 -28.93 2.31 27.91
N SER B 550 -29.26 2.27 29.20
CA SER B 550 -30.54 2.74 29.70
C SER B 550 -30.32 3.60 30.93
N ASP B 551 -31.28 4.48 31.18
CA ASP B 551 -31.31 5.38 32.32
C ASP B 551 -29.94 6.01 32.61
N GLY B 552 -29.17 6.26 31.55
CA GLY B 552 -27.88 6.89 31.70
C GLY B 552 -26.77 5.99 32.17
N LYS B 553 -26.97 4.67 32.18
CA LYS B 553 -25.92 3.74 32.57
C LYS B 553 -25.83 2.63 31.54
N LEU B 554 -24.63 2.08 31.39
CA LEU B 554 -24.33 1.06 30.39
C LEU B 554 -24.15 -0.28 31.07
N GLN B 555 -24.75 -1.32 30.50
CA GLN B 555 -24.71 -2.66 31.07
C GLN B 555 -24.19 -3.64 30.04
N THR B 556 -23.40 -4.60 30.49
CA THR B 556 -22.90 -5.66 29.62
C THR B 556 -23.96 -6.74 29.53
N VAL B 557 -24.88 -6.57 28.57
CA VAL B 557 -26.01 -7.49 28.44
C VAL B 557 -25.51 -8.91 28.18
N ALA B 558 -24.55 -9.06 27.28
CA ALA B 558 -24.06 -10.40 26.96
C ALA B 558 -22.70 -10.31 26.29
N GLU B 559 -22.04 -11.46 26.18
CA GLU B 559 -20.78 -11.52 25.47
C GLU B 559 -20.53 -12.95 25.01
N LYS B 560 -19.85 -13.06 23.87
CA LYS B 560 -19.46 -14.34 23.30
C LYS B 560 -18.00 -14.28 22.88
N GLU B 561 -17.24 -15.30 23.24
CA GLU B 561 -15.83 -15.38 22.87
C GLU B 561 -15.66 -16.26 21.65
N VAL B 562 -14.97 -15.74 20.64
CA VAL B 562 -14.72 -16.46 19.40
C VAL B 562 -13.22 -16.67 19.28
N LYS B 563 -12.84 -17.68 18.49
CA LYS B 563 -11.44 -17.97 18.21
C LYS B 563 -11.08 -17.31 16.89
N GLY B 564 -10.50 -16.12 16.97
CA GLY B 564 -10.14 -15.35 15.80
C GLY B 564 -10.16 -13.87 16.12
N ALA B 565 -10.51 -13.08 15.11
CA ALA B 565 -10.61 -11.62 15.26
C ALA B 565 -11.78 -11.15 14.42
N VAL B 566 -12.81 -10.63 15.07
CA VAL B 566 -14.00 -10.16 14.36
C VAL B 566 -13.61 -8.94 13.53
N TYR B 567 -13.57 -9.11 12.21
CA TYR B 567 -13.17 -8.01 11.33
C TYR B 567 -14.33 -7.16 10.86
N SER B 568 -15.57 -7.56 11.12
CA SER B 568 -16.72 -6.77 10.70
C SER B 568 -17.98 -7.44 11.21
N MET B 569 -19.09 -6.69 11.13
CA MET B 569 -20.39 -7.17 11.54
C MET B 569 -21.46 -6.36 10.82
N VAL B 570 -22.58 -7.01 10.54
CA VAL B 570 -23.72 -6.37 9.89
C VAL B 570 -24.98 -7.08 10.32
N GLU B 571 -26.02 -6.30 10.64
CA GLU B 571 -27.31 -6.86 11.00
C GLU B 571 -28.01 -7.37 9.75
N PHE B 572 -28.46 -8.62 9.79
CA PHE B 572 -28.95 -9.32 8.61
C PHE B 572 -30.32 -9.90 8.89
N ASN B 573 -31.36 -9.08 8.69
CA ASN B 573 -32.75 -9.51 8.78
C ASN B 573 -33.01 -10.27 10.08
N GLY B 574 -32.75 -9.60 11.19
CA GLY B 574 -33.03 -10.15 12.50
C GLY B 574 -31.97 -11.05 13.07
N LYS B 575 -30.90 -11.33 12.33
CA LYS B 575 -29.78 -12.10 12.83
C LYS B 575 -28.50 -11.29 12.68
N LEU B 576 -27.43 -11.75 13.31
CA LEU B 576 -26.16 -11.06 13.29
C LEU B 576 -25.18 -11.78 12.37
N LEU B 577 -24.56 -11.03 11.47
CA LEU B 577 -23.60 -11.58 10.52
C LEU B 577 -22.22 -11.08 10.90
N ALA B 578 -21.29 -12.01 11.12
CA ALA B 578 -19.95 -11.67 11.60
C ALA B 578 -18.90 -12.35 10.73
N SER B 579 -17.75 -11.69 10.63
CA SER B 579 -16.61 -12.21 9.89
C SER B 579 -15.47 -12.47 10.85
N ILE B 580 -15.06 -13.73 10.95
CA ILE B 580 -14.00 -14.15 11.87
C ILE B 580 -12.88 -14.75 11.03
N ASN B 581 -11.75 -14.07 10.99
CA ASN B 581 -10.60 -14.47 10.18
C ASN B 581 -11.12 -14.79 8.78
N SER B 582 -10.84 -15.97 8.23
CA SER B 582 -11.37 -16.36 6.93
C SER B 582 -12.59 -17.26 7.13
N THR B 583 -13.63 -16.68 7.70
CA THR B 583 -14.87 -17.41 7.94
C THR B 583 -16.00 -16.40 8.10
N VAL B 584 -17.20 -16.80 7.65
CA VAL B 584 -18.41 -16.01 7.81
C VAL B 584 -19.37 -16.82 8.67
N ARG B 585 -19.91 -16.19 9.71
CA ARG B 585 -20.82 -16.87 10.62
C ARG B 585 -22.07 -16.03 10.80
N LEU B 586 -23.18 -16.72 10.98
CA LEU B 586 -24.49 -16.08 11.14
C LEU B 586 -25.11 -16.59 12.44
N TYR B 587 -25.23 -15.72 13.42
CA TYR B 587 -25.81 -16.02 14.72
C TYR B 587 -27.23 -15.52 14.79
N GLU B 588 -28.03 -16.17 15.62
CA GLU B 588 -29.38 -15.73 15.94
C GLU B 588 -29.43 -15.28 17.39
N TRP B 589 -30.57 -14.73 17.78
CA TRP B 589 -30.76 -14.14 19.12
C TRP B 589 -31.96 -14.82 19.77
N THR B 590 -31.68 -15.86 20.54
CA THR B 590 -32.74 -16.60 21.21
C THR B 590 -33.39 -15.72 22.27
N THR B 591 -34.41 -16.28 22.94
CA THR B 591 -35.14 -15.56 23.96
C THR B 591 -34.42 -15.53 25.31
N GLU B 592 -33.29 -16.22 25.43
CA GLU B 592 -32.55 -16.26 26.68
C GLU B 592 -31.45 -15.20 26.74
N LYS B 593 -31.43 -14.25 25.81
CA LYS B 593 -30.43 -13.19 25.79
C LYS B 593 -29.03 -13.76 25.59
N GLU B 594 -28.87 -14.48 24.48
CA GLU B 594 -27.59 -15.11 24.17
C GLU B 594 -27.49 -15.32 22.66
N LEU B 595 -26.27 -15.58 22.21
CA LEU B 595 -25.97 -15.79 20.81
C LEU B 595 -25.71 -17.27 20.55
N ARG B 596 -26.40 -17.83 19.56
CA ARG B 596 -26.23 -19.22 19.18
C ARG B 596 -25.92 -19.29 17.70
N THR B 597 -24.77 -19.87 17.35
CA THR B 597 -24.37 -19.95 15.96
C THR B 597 -25.42 -20.70 15.15
N GLU B 598 -25.81 -20.12 14.02
CA GLU B 598 -26.85 -20.67 13.18
C GLU B 598 -26.34 -21.17 11.84
N CYS B 599 -25.47 -20.41 11.19
CA CYS B 599 -24.91 -20.82 9.91
C CYS B 599 -23.42 -20.51 9.85
N ASN B 600 -22.69 -21.29 9.07
CA ASN B 600 -21.25 -21.11 8.92
C ASN B 600 -20.88 -21.22 7.45
N HIS B 601 -19.77 -20.59 7.09
CA HIS B 601 -19.25 -20.67 5.73
C HIS B 601 -17.75 -20.41 5.77
N TYR B 602 -16.99 -21.24 5.06
CA TYR B 602 -15.54 -21.18 5.05
C TYR B 602 -15.05 -20.71 3.70
N ASN B 603 -14.15 -19.73 3.69
CA ASN B 603 -13.54 -19.25 2.47
C ASN B 603 -12.03 -19.27 2.61
N ASN B 604 -11.32 -18.73 1.61
CA ASN B 604 -9.86 -18.75 1.61
C ASN B 604 -9.24 -17.38 1.81
N ILE B 605 -10.06 -16.37 2.16
CA ILE B 605 -9.58 -15.02 2.35
C ILE B 605 -10.17 -14.46 3.64
N MET B 606 -9.54 -13.40 4.15
CA MET B 606 -10.06 -12.69 5.30
C MET B 606 -11.16 -11.73 4.86
N ALA B 607 -12.33 -11.84 5.47
CA ALA B 607 -13.48 -11.00 5.10
C ALA B 607 -13.39 -9.68 5.86
N LEU B 608 -12.54 -8.79 5.35
CA LEU B 608 -12.41 -7.48 5.96
C LEU B 608 -13.63 -6.62 5.71
N TYR B 609 -14.13 -6.61 4.49
CA TYR B 609 -15.30 -5.80 4.12
C TYR B 609 -16.52 -6.69 3.99
N LEU B 610 -17.60 -6.29 4.63
CA LEU B 610 -18.85 -7.06 4.60
C LEU B 610 -20.00 -6.09 4.37
N LYS B 611 -20.76 -6.32 3.30
CA LYS B 611 -21.94 -5.51 3.01
C LYS B 611 -23.12 -6.42 2.70
N THR B 612 -24.32 -5.92 2.95
CA THR B 612 -25.51 -6.73 2.80
C THR B 612 -26.57 -5.98 2.00
N LYS B 613 -27.41 -6.75 1.31
CA LYS B 613 -28.49 -6.17 0.52
C LYS B 613 -29.54 -7.25 0.32
N GLY B 614 -30.67 -7.14 1.03
CA GLY B 614 -31.69 -8.16 0.94
C GLY B 614 -31.17 -9.51 1.42
N ASP B 615 -30.97 -10.43 0.49
CA ASP B 615 -30.41 -11.74 0.80
C ASP B 615 -29.02 -11.94 0.23
N PHE B 616 -28.42 -10.89 -0.33
CA PHE B 616 -27.09 -10.97 -0.93
C PHE B 616 -26.05 -10.39 0.02
N ILE B 617 -24.88 -11.02 0.07
CA ILE B 617 -23.79 -10.60 0.92
C ILE B 617 -22.55 -10.41 0.05
N LEU B 618 -21.92 -9.24 0.18
CA LEU B 618 -20.69 -8.91 -0.53
C LEU B 618 -19.53 -8.98 0.44
N VAL B 619 -18.53 -9.79 0.10
CA VAL B 619 -17.35 -10.01 0.93
C VAL B 619 -16.14 -9.49 0.18
N GLY B 620 -15.30 -8.72 0.86
CA GLY B 620 -14.15 -8.11 0.23
C GLY B 620 -12.92 -8.24 1.09
N ASP B 621 -11.78 -8.41 0.41
CA ASP B 621 -10.49 -8.58 1.05
C ASP B 621 -9.59 -7.41 0.68
N LEU B 622 -8.51 -7.24 1.44
CA LEU B 622 -7.59 -6.14 1.21
C LEU B 622 -6.84 -6.26 -0.10
N MET B 623 -6.87 -7.42 -0.76
CA MET B 623 -6.19 -7.63 -2.02
C MET B 623 -7.11 -7.43 -3.22
N ARG B 624 -8.28 -6.82 -3.00
CA ARG B 624 -9.24 -6.55 -4.07
C ARG B 624 -9.84 -7.85 -4.60
N SER B 625 -10.11 -8.79 -3.70
CA SER B 625 -10.83 -10.02 -4.03
C SER B 625 -12.27 -9.85 -3.58
N VAL B 626 -13.21 -10.05 -4.51
CA VAL B 626 -14.62 -9.80 -4.27
C VAL B 626 -15.38 -11.12 -4.38
N LEU B 627 -16.27 -11.36 -3.42
CA LEU B 627 -17.11 -12.54 -3.40
C LEU B 627 -18.55 -12.11 -3.19
N LEU B 628 -19.48 -12.82 -3.83
CA LEU B 628 -20.91 -12.52 -3.74
C LEU B 628 -21.62 -13.81 -3.37
N LEU B 629 -22.21 -13.84 -2.18
CA LEU B 629 -22.87 -15.00 -1.61
C LEU B 629 -24.34 -14.71 -1.38
N ALA B 630 -25.12 -15.77 -1.20
CA ALA B 630 -26.54 -15.68 -0.90
C ALA B 630 -26.89 -16.64 0.22
N TYR B 631 -27.96 -16.31 0.94
CA TYR B 631 -28.45 -17.12 2.05
C TYR B 631 -29.70 -17.86 1.61
N LYS B 632 -29.75 -19.17 1.87
CA LYS B 632 -30.84 -20.01 1.41
C LYS B 632 -31.84 -20.21 2.55
N PRO B 633 -32.95 -19.45 2.59
CA PRO B 633 -33.87 -19.59 3.72
C PRO B 633 -34.43 -20.99 3.89
N MET B 634 -34.74 -21.68 2.78
CA MET B 634 -35.35 -22.99 2.89
C MET B 634 -34.39 -24.03 3.44
N GLU B 635 -33.09 -23.84 3.26
CA GLU B 635 -32.09 -24.76 3.78
C GLU B 635 -31.24 -24.17 4.90
N GLY B 636 -31.19 -22.85 5.01
CA GLY B 636 -30.37 -22.22 6.03
C GLY B 636 -28.88 -22.43 5.84
N ASN B 637 -28.40 -22.30 4.61
CA ASN B 637 -26.98 -22.46 4.34
C ASN B 637 -26.56 -21.45 3.29
N PHE B 638 -25.26 -21.18 3.23
CA PHE B 638 -24.70 -20.22 2.30
C PHE B 638 -24.22 -20.91 1.05
N GLU B 639 -24.62 -20.39 -0.11
CA GLU B 639 -24.14 -20.86 -1.40
C GLU B 639 -23.42 -19.72 -2.09
N GLU B 640 -22.21 -19.99 -2.58
CA GLU B 640 -21.47 -18.99 -3.31
C GLU B 640 -22.11 -18.74 -4.67
N ILE B 641 -22.24 -17.47 -5.03
CA ILE B 641 -22.86 -17.08 -6.29
C ILE B 641 -21.84 -16.62 -7.31
N ALA B 642 -20.95 -15.71 -6.92
CA ALA B 642 -20.01 -15.16 -7.87
C ALA B 642 -18.72 -14.75 -7.17
N ARG B 643 -17.67 -14.58 -7.96
CA ARG B 643 -16.37 -14.19 -7.43
C ARG B 643 -15.57 -13.44 -8.48
N ASP B 644 -14.55 -12.74 -8.01
CA ASP B 644 -13.65 -11.98 -8.89
C ASP B 644 -12.34 -11.74 -8.15
N PHE B 645 -11.22 -12.08 -8.78
CA PHE B 645 -9.91 -11.93 -8.18
C PHE B 645 -9.00 -11.13 -9.11
N ASN B 646 -8.38 -10.10 -8.56
CA ASN B 646 -7.42 -9.30 -9.31
C ASN B 646 -6.44 -8.62 -8.35
N PRO B 647 -5.19 -9.05 -8.31
CA PRO B 647 -4.26 -8.50 -7.31
C PRO B 647 -4.16 -6.98 -7.37
N ASN B 648 -4.50 -6.32 -6.27
CA ASN B 648 -4.40 -4.86 -6.16
C ASN B 648 -4.85 -4.48 -4.75
N TRP B 649 -4.60 -3.23 -4.38
CA TRP B 649 -4.96 -2.73 -3.06
C TRP B 649 -6.34 -2.08 -3.10
N MET B 650 -7.19 -2.46 -2.15
CA MET B 650 -8.56 -1.96 -2.08
C MET B 650 -8.79 -1.33 -0.71
N SER B 651 -9.51 -0.20 -0.71
CA SER B 651 -9.77 0.55 0.51
C SER B 651 -11.20 0.37 1.01
N ALA B 652 -12.19 0.45 0.14
CA ALA B 652 -13.58 0.33 0.56
C ALA B 652 -14.41 -0.25 -0.57
N VAL B 653 -15.56 -0.82 -0.20
CA VAL B 653 -16.53 -1.36 -1.15
C VAL B 653 -17.91 -0.91 -0.74
N GLU B 654 -18.83 -0.97 -1.70
CA GLU B 654 -20.22 -0.57 -1.47
C GLU B 654 -21.10 -1.23 -2.51
N ILE B 655 -22.39 -1.28 -2.22
CA ILE B 655 -23.39 -1.85 -3.11
C ILE B 655 -24.30 -0.72 -3.59
N LEU B 656 -24.37 -0.54 -4.92
CA LEU B 656 -25.23 0.49 -5.48
C LEU B 656 -26.65 -0.03 -5.68
N ASP B 657 -26.79 -1.20 -6.27
CA ASP B 657 -28.10 -1.81 -6.49
C ASP B 657 -27.92 -3.32 -6.47
N ASP B 658 -28.93 -4.04 -6.95
CA ASP B 658 -28.89 -5.50 -6.91
C ASP B 658 -27.77 -6.09 -7.76
N ASP B 659 -27.22 -5.33 -8.71
CA ASP B 659 -26.27 -5.89 -9.67
C ASP B 659 -24.95 -5.14 -9.76
N ASN B 660 -24.83 -3.95 -9.18
CA ASN B 660 -23.64 -3.14 -9.32
C ASN B 660 -22.93 -3.00 -7.99
N PHE B 661 -21.59 -3.00 -8.03
CA PHE B 661 -20.78 -2.83 -6.84
C PHE B 661 -19.67 -1.83 -7.13
N LEU B 662 -19.30 -1.06 -6.11
CA LEU B 662 -18.35 0.03 -6.23
C LEU B 662 -17.22 -0.17 -5.24
N GLY B 663 -16.00 0.20 -5.65
CA GLY B 663 -14.85 0.05 -4.78
C GLY B 663 -13.77 1.06 -5.09
N ALA B 664 -12.91 1.28 -4.10
CA ALA B 664 -11.78 2.19 -4.23
C ALA B 664 -10.49 1.39 -4.27
N GLU B 665 -9.65 1.68 -5.26
CA GLU B 665 -8.47 0.88 -5.57
C GLU B 665 -7.23 1.76 -5.55
N ASN B 666 -6.09 1.08 -5.42
CA ASN B 666 -4.78 1.73 -5.36
C ASN B 666 -4.64 2.77 -6.47
N ALA B 667 -3.79 3.76 -6.20
CA ALA B 667 -3.54 4.89 -7.09
C ALA B 667 -4.66 5.91 -7.05
N PHE B 668 -5.51 5.88 -6.02
CA PHE B 668 -6.61 6.81 -5.89
C PHE B 668 -7.62 6.63 -7.01
N ASN B 669 -8.06 5.39 -7.20
CA ASN B 669 -8.94 5.05 -8.31
C ASN B 669 -10.28 4.55 -7.78
N LEU B 670 -11.30 4.68 -8.63
CA LEU B 670 -12.62 4.11 -8.39
C LEU B 670 -12.92 3.10 -9.47
N PHE B 671 -13.51 1.97 -9.07
CA PHE B 671 -13.87 0.93 -10.01
C PHE B 671 -15.27 0.42 -9.69
N VAL B 672 -15.97 -0.01 -10.74
CA VAL B 672 -17.34 -0.49 -10.61
C VAL B 672 -17.45 -1.81 -11.34
N CYS B 673 -17.87 -2.84 -10.63
CA CYS B 673 -18.08 -4.18 -11.18
C CYS B 673 -19.57 -4.50 -11.23
N GLN B 674 -19.92 -5.46 -12.07
CA GLN B 674 -21.31 -5.84 -12.26
C GLN B 674 -21.41 -7.35 -12.33
N LYS B 675 -22.54 -7.87 -11.86
CA LYS B 675 -22.82 -9.30 -11.92
C LYS B 675 -23.48 -9.62 -13.25
N ASP B 676 -22.86 -10.51 -14.03
CA ASP B 676 -23.34 -10.84 -15.36
C ASP B 676 -24.46 -11.88 -15.25
N SER B 677 -25.66 -11.38 -14.96
CA SER B 677 -26.83 -12.24 -14.86
C SER B 677 -27.40 -12.63 -16.22
N ALA B 678 -26.97 -11.98 -17.30
CA ALA B 678 -27.42 -12.30 -18.65
C ALA B 678 -26.59 -13.40 -19.28
N ALA B 679 -25.66 -14.00 -18.55
CA ALA B 679 -24.81 -15.05 -19.09
C ALA B 679 -25.63 -16.29 -19.42
N THR B 680 -25.13 -17.07 -20.37
CA THR B 680 -25.79 -18.29 -20.80
C THR B 680 -25.30 -19.51 -20.04
N THR B 681 -23.98 -19.68 -19.93
CA THR B 681 -23.39 -20.83 -19.27
C THR B 681 -22.96 -20.45 -17.85
N ASP B 682 -22.70 -21.49 -17.05
CA ASP B 682 -22.33 -21.26 -15.66
C ASP B 682 -21.02 -20.51 -15.55
N GLU B 683 -20.08 -20.79 -16.45
CA GLU B 683 -18.78 -20.11 -16.37
C GLU B 683 -18.95 -18.61 -16.41
N GLU B 684 -19.76 -18.11 -17.34
CA GLU B 684 -20.01 -16.67 -17.40
C GLU B 684 -20.88 -16.21 -16.25
N ARG B 685 -21.87 -17.01 -15.84
CA ARG B 685 -22.76 -16.62 -14.76
C ARG B 685 -22.02 -16.47 -13.44
N GLN B 686 -20.88 -17.13 -13.28
CA GLN B 686 -20.14 -17.09 -12.02
C GLN B 686 -18.92 -16.17 -12.08
N HIS B 687 -18.94 -15.19 -12.98
CA HIS B 687 -17.85 -14.23 -13.08
C HIS B 687 -18.41 -12.82 -13.05
N LEU B 688 -17.69 -11.93 -12.38
CA LEU B 688 -18.07 -10.53 -12.26
C LEU B 688 -17.31 -9.72 -13.29
N GLN B 689 -18.02 -9.08 -14.20
CA GLN B 689 -17.39 -8.29 -15.25
C GLN B 689 -17.17 -6.86 -14.75
N GLU B 690 -15.95 -6.37 -14.92
CA GLU B 690 -15.65 -4.98 -14.62
C GLU B 690 -16.30 -4.08 -15.66
N VAL B 691 -16.90 -2.97 -15.19
CA VAL B 691 -17.62 -2.09 -16.09
C VAL B 691 -17.24 -0.63 -15.97
N GLY B 692 -16.59 -0.18 -14.89
CA GLY B 692 -16.25 1.23 -14.79
C GLY B 692 -14.93 1.53 -14.12
N LEU B 693 -14.15 2.45 -14.68
CA LEU B 693 -12.86 2.85 -14.13
C LEU B 693 -12.77 4.37 -14.11
N PHE B 694 -12.13 4.90 -13.07
CA PHE B 694 -12.05 6.34 -12.92
C PHE B 694 -10.89 6.68 -11.98
N HIS B 695 -10.29 7.85 -12.19
CA HIS B 695 -9.18 8.31 -11.37
C HIS B 695 -9.67 9.46 -10.49
N LEU B 696 -10.03 9.14 -9.26
CA LEU B 696 -10.62 10.15 -8.37
C LEU B 696 -9.60 11.18 -7.94
N GLY B 697 -8.36 10.76 -7.68
CA GLY B 697 -7.36 11.64 -7.14
C GLY B 697 -7.37 11.79 -5.64
N GLU B 698 -8.19 11.01 -4.95
CA GLU B 698 -8.28 11.06 -3.50
C GLU B 698 -8.30 9.64 -2.96
N PHE B 699 -7.89 9.49 -1.70
CA PHE B 699 -7.87 8.19 -1.05
C PHE B 699 -9.18 7.99 -0.32
N VAL B 700 -10.13 7.31 -0.96
CA VAL B 700 -11.46 7.12 -0.37
C VAL B 700 -11.34 6.22 0.85
N ASN B 701 -11.95 6.66 1.95
CA ASN B 701 -11.85 5.95 3.22
C ASN B 701 -13.16 5.33 3.68
N VAL B 702 -14.30 5.97 3.41
CA VAL B 702 -15.59 5.47 3.89
C VAL B 702 -16.68 5.74 2.88
N PHE B 703 -17.62 4.81 2.76
CA PHE B 703 -18.83 4.95 1.95
C PHE B 703 -20.05 4.90 2.86
N CYS B 704 -21.11 5.59 2.44
CA CYS B 704 -22.35 5.57 3.20
C CYS B 704 -23.51 5.94 2.28
N HIS B 705 -24.72 5.57 2.70
CA HIS B 705 -25.93 5.85 1.96
C HIS B 705 -26.67 7.02 2.61
N GLY B 706 -27.00 8.02 1.82
CA GLY B 706 -27.75 9.15 2.33
C GLY B 706 -27.58 10.36 1.41
N SER B 707 -28.15 11.47 1.86
CA SER B 707 -28.07 12.72 1.12
C SER B 707 -28.19 13.88 2.10
N LEU B 708 -27.71 15.05 1.65
CA LEU B 708 -27.73 16.25 2.48
C LEU B 708 -28.83 17.23 2.09
N VAL B 709 -29.56 16.98 1.02
CA VAL B 709 -30.60 17.88 0.55
C VAL B 709 -31.96 17.30 0.93
N MET B 710 -32.91 18.18 1.20
CA MET B 710 -34.26 17.76 1.54
C MET B 710 -34.83 16.91 0.41
N GLN B 711 -35.53 15.83 0.78
CA GLN B 711 -36.08 14.90 -0.20
C GLN B 711 -36.84 15.62 -1.31
N SER B 717 -39.01 10.84 -11.10
CA SER B 717 -39.06 12.09 -11.86
C SER B 717 -37.68 12.72 -11.99
N THR B 718 -36.84 12.53 -10.98
CA THR B 718 -35.50 13.09 -10.99
C THR B 718 -34.63 12.36 -12.00
N PRO B 719 -33.60 13.04 -12.53
CA PRO B 719 -32.68 12.39 -13.47
C PRO B 719 -31.61 11.52 -12.83
N THR B 720 -31.70 11.27 -11.53
CA THR B 720 -30.72 10.46 -10.82
C THR B 720 -31.42 9.58 -9.80
N GLN B 721 -30.98 8.33 -9.69
CA GLN B 721 -31.53 7.37 -8.74
C GLN B 721 -30.48 7.03 -7.69
N GLY B 722 -30.86 7.12 -6.43
CA GLY B 722 -29.96 6.80 -5.34
C GLY B 722 -28.91 7.87 -5.13
N SER B 723 -28.11 7.68 -4.08
CA SER B 723 -27.00 8.57 -3.78
C SER B 723 -26.09 7.95 -2.74
N VAL B 724 -24.78 7.95 -2.99
CA VAL B 724 -23.81 7.40 -2.05
C VAL B 724 -22.77 8.48 -1.76
N LEU B 725 -22.55 8.76 -0.49
CA LEU B 725 -21.55 9.71 -0.05
C LEU B 725 -20.27 8.97 0.31
N PHE B 726 -19.13 9.58 0.01
CA PHE B 726 -17.84 9.00 0.36
C PHE B 726 -16.94 10.05 0.96
N GLY B 727 -16.22 9.64 1.99
CA GLY B 727 -15.29 10.51 2.70
C GLY B 727 -13.87 9.98 2.56
N THR B 728 -12.93 10.91 2.42
CA THR B 728 -11.56 10.64 2.03
C THR B 728 -10.59 11.04 3.13
N VAL B 729 -9.29 11.02 2.82
CA VAL B 729 -8.26 11.33 3.78
C VAL B 729 -7.87 12.80 3.79
N ASN B 730 -8.09 13.53 2.70
CA ASN B 730 -7.74 14.94 2.62
C ASN B 730 -8.86 15.86 3.11
N GLY B 731 -9.92 15.30 3.66
CA GLY B 731 -11.06 16.09 4.09
C GLY B 731 -12.07 16.37 3.01
N MET B 732 -11.94 15.75 1.85
CA MET B 732 -12.90 15.94 0.77
C MET B 732 -14.09 15.01 0.94
N ILE B 733 -15.25 15.47 0.49
CA ILE B 733 -16.49 14.70 0.53
C ILE B 733 -17.07 14.66 -0.87
N GLY B 734 -17.43 13.45 -1.32
CA GLY B 734 -17.93 13.28 -2.67
C GLY B 734 -19.25 12.53 -2.68
N LEU B 735 -19.96 12.68 -3.79
CA LEU B 735 -21.27 12.07 -3.98
C LEU B 735 -21.31 11.35 -5.31
N VAL B 736 -21.99 10.19 -5.33
CA VAL B 736 -22.09 9.35 -6.51
C VAL B 736 -23.54 8.94 -6.71
N THR B 737 -24.01 9.02 -7.95
CA THR B 737 -25.38 8.66 -8.29
C THR B 737 -25.40 7.91 -9.60
N SER B 738 -26.55 7.32 -9.90
CA SER B 738 -26.74 6.56 -11.13
C SER B 738 -27.37 7.45 -12.20
N LEU B 739 -27.55 6.88 -13.39
CA LEU B 739 -28.09 7.63 -14.52
C LEU B 739 -28.75 6.68 -15.49
N SER B 740 -29.12 7.20 -16.65
CA SER B 740 -29.68 6.42 -17.75
C SER B 740 -28.83 6.63 -19.00
N GLU B 741 -28.99 5.72 -19.95
CA GLU B 741 -28.10 5.69 -21.11
C GLU B 741 -28.12 7.03 -21.85
N SER B 742 -29.31 7.57 -22.11
CA SER B 742 -29.42 8.80 -22.87
C SER B 742 -28.71 9.95 -22.16
N TRP B 743 -28.95 10.10 -20.86
CA TRP B 743 -28.30 11.15 -20.10
C TRP B 743 -26.79 10.95 -20.07
N TYR B 744 -26.35 9.71 -19.93
CA TYR B 744 -24.91 9.44 -19.92
C TYR B 744 -24.27 9.87 -21.22
N ASN B 745 -24.88 9.53 -22.35
CA ASN B 745 -24.33 9.93 -23.64
C ASN B 745 -24.32 11.45 -23.78
N LEU B 746 -25.42 12.09 -23.40
CA LEU B 746 -25.51 13.55 -23.50
C LEU B 746 -24.39 14.21 -22.70
N LEU B 747 -24.21 13.75 -21.46
CA LEU B 747 -23.18 14.33 -20.61
C LEU B 747 -21.78 14.05 -21.15
N LEU B 748 -21.56 12.87 -21.72
CA LEU B 748 -20.26 12.57 -22.31
C LEU B 748 -19.95 13.54 -23.45
N ASP B 749 -20.93 13.77 -24.33
CA ASP B 749 -20.72 14.72 -25.41
C ASP B 749 -20.46 16.12 -24.88
N MET B 750 -21.23 16.54 -23.87
CA MET B 750 -21.02 17.87 -23.30
C MET B 750 -19.62 17.99 -22.72
N GLN B 751 -19.16 16.97 -22.02
CA GLN B 751 -17.83 17.00 -21.42
C GLN B 751 -16.74 17.07 -22.48
N ASN B 752 -16.88 16.29 -23.55
CA ASN B 752 -15.91 16.37 -24.64
C ASN B 752 -15.85 17.78 -25.21
N ARG B 753 -17.01 18.36 -25.49
CA ARG B 753 -17.03 19.71 -26.05
C ARG B 753 -16.40 20.72 -25.09
N LEU B 754 -16.74 20.64 -23.81
CA LEU B 754 -16.19 21.59 -22.85
C LEU B 754 -14.68 21.46 -22.74
N ASN B 755 -14.18 20.22 -22.68
CA ASN B 755 -12.73 20.04 -22.66
C ASN B 755 -12.10 20.64 -23.90
N LYS B 756 -12.76 20.50 -25.04
CA LYS B 756 -12.24 21.12 -26.27
C LYS B 756 -12.19 22.63 -26.14
N VAL B 757 -13.19 23.23 -25.51
CA VAL B 757 -13.27 24.69 -25.46
C VAL B 757 -12.44 25.25 -24.33
N ILE B 758 -12.76 24.89 -23.09
CA ILE B 758 -12.10 25.53 -21.95
C ILE B 758 -10.65 25.08 -21.85
N LYS B 759 -9.87 25.84 -21.09
CA LYS B 759 -8.45 25.62 -20.91
C LYS B 759 -8.12 25.47 -19.43
N SER B 760 -7.22 24.54 -19.11
CA SER B 760 -6.83 24.27 -17.75
C SER B 760 -5.49 24.92 -17.43
N VAL B 761 -5.29 25.21 -16.14
CA VAL B 761 -4.02 25.78 -15.70
C VAL B 761 -2.92 24.73 -15.89
N GLY B 762 -1.82 25.14 -16.49
CA GLY B 762 -0.74 24.24 -16.80
C GLY B 762 -0.89 23.48 -18.10
N LYS B 763 -1.96 23.75 -18.86
CA LYS B 763 -2.17 23.09 -20.15
C LYS B 763 -2.10 21.57 -20.02
N ILE B 764 -2.86 21.03 -19.08
CA ILE B 764 -2.92 19.60 -18.85
C ILE B 764 -4.18 19.05 -19.51
N GLU B 765 -4.05 17.93 -20.21
CA GLU B 765 -5.20 17.32 -20.87
C GLU B 765 -6.09 16.68 -19.82
N HIS B 766 -7.39 16.98 -19.88
CA HIS B 766 -8.31 16.47 -18.88
C HIS B 766 -8.41 14.95 -18.95
N SER B 767 -8.49 14.39 -20.15
CA SER B 767 -8.66 12.95 -20.28
C SER B 767 -7.51 12.20 -19.65
N PHE B 768 -6.28 12.67 -19.86
CA PHE B 768 -5.13 12.05 -19.20
C PHE B 768 -5.26 12.12 -17.69
N TRP B 769 -5.79 13.23 -17.18
CA TRP B 769 -5.96 13.38 -15.73
C TRP B 769 -6.90 12.33 -15.17
N ARG B 770 -8.01 12.07 -15.86
CA ARG B 770 -8.99 11.08 -15.41
C ARG B 770 -8.72 9.70 -15.96
N SER B 771 -7.47 9.38 -16.28
CA SER B 771 -7.11 8.08 -16.81
C SER B 771 -6.73 7.15 -15.66
N PHE B 772 -7.29 5.93 -15.67
CA PHE B 772 -7.00 4.97 -14.61
C PHE B 772 -5.53 4.63 -14.58
N HIS B 773 -4.83 5.08 -13.55
CA HIS B 773 -3.39 4.89 -13.41
C HIS B 773 -3.13 3.87 -12.30
N THR B 774 -2.18 2.97 -12.55
CA THR B 774 -1.86 1.95 -11.55
C THR B 774 -0.36 1.71 -11.41
N GLU B 775 0.48 2.53 -12.01
CA GLU B 775 1.94 2.37 -12.03
C GLU B 775 2.39 1.20 -12.88
N ARG B 776 1.47 0.41 -13.44
CA ARG B 776 1.81 -0.67 -14.34
C ARG B 776 0.90 -0.77 -15.54
N LYS B 777 -0.23 -0.07 -15.56
CA LYS B 777 -1.17 -0.11 -16.67
C LYS B 777 -2.02 1.15 -16.63
N THR B 778 -2.45 1.59 -17.81
CA THR B 778 -3.24 2.81 -17.94
C THR B 778 -4.37 2.59 -18.92
N GLU B 779 -5.57 3.03 -18.55
CA GLU B 779 -6.74 2.90 -19.41
C GLU B 779 -7.59 4.16 -19.30
N PRO B 780 -8.25 4.55 -20.38
CA PRO B 780 -9.14 5.70 -20.30
C PRO B 780 -10.32 5.44 -19.39
N ALA B 781 -10.79 6.49 -18.74
CA ALA B 781 -11.94 6.37 -17.85
C ALA B 781 -13.18 5.98 -18.63
N THR B 782 -13.97 5.07 -18.07
CA THR B 782 -15.19 4.61 -18.72
C THR B 782 -16.27 4.42 -17.68
N GLY B 783 -17.49 4.82 -18.02
CA GLY B 783 -18.64 4.64 -17.17
C GLY B 783 -18.84 5.71 -16.10
N PHE B 784 -17.92 6.66 -15.98
CA PHE B 784 -18.01 7.72 -14.99
C PHE B 784 -18.06 9.07 -15.70
N ILE B 785 -19.03 9.88 -15.32
CA ILE B 785 -19.19 11.23 -15.87
C ILE B 785 -18.71 12.20 -14.81
N ASP B 786 -17.60 12.89 -15.09
CA ASP B 786 -17.09 13.88 -14.17
C ASP B 786 -18.12 15.00 -13.98
N GLY B 787 -18.37 15.34 -12.72
CA GLY B 787 -19.38 16.34 -12.42
C GLY B 787 -18.81 17.74 -12.22
N ASP B 788 -17.55 17.82 -11.83
CA ASP B 788 -16.93 19.12 -11.58
C ASP B 788 -16.87 19.95 -12.86
N LEU B 789 -16.52 19.32 -13.98
CA LEU B 789 -16.46 20.04 -15.25
C LEU B 789 -17.84 20.55 -15.64
N ILE B 790 -18.85 19.69 -15.54
CA ILE B 790 -20.21 20.11 -15.87
C ILE B 790 -20.64 21.27 -14.99
N GLU B 791 -20.34 21.20 -13.69
CA GLU B 791 -20.69 22.28 -12.79
C GLU B 791 -20.01 23.57 -13.18
N SER B 792 -18.69 23.52 -13.46
CA SER B 792 -17.97 24.72 -13.86
C SER B 792 -18.50 25.27 -15.18
N PHE B 793 -19.20 24.44 -15.95
CA PHE B 793 -19.82 24.89 -17.19
C PHE B 793 -20.56 26.23 -17.04
N LEU B 794 -21.03 26.58 -15.85
CA LEU B 794 -21.86 27.77 -15.67
C LEU B 794 -21.05 29.05 -15.51
N ASP B 795 -19.76 28.97 -15.23
CA ASP B 795 -18.96 30.15 -14.90
C ASP B 795 -18.41 30.85 -16.14
N ILE B 796 -18.67 30.34 -17.33
CA ILE B 796 -18.09 30.89 -18.54
C ILE B 796 -19.03 31.92 -19.14
N SER B 797 -18.49 32.74 -20.04
CA SER B 797 -19.27 33.77 -20.71
C SER B 797 -20.18 33.15 -21.78
N ARG B 798 -21.14 33.95 -22.24
CA ARG B 798 -22.11 33.45 -23.22
C ARG B 798 -21.48 32.98 -24.51
N PRO B 799 -20.55 33.71 -25.13
CA PRO B 799 -20.01 33.24 -26.42
C PRO B 799 -19.39 31.86 -26.35
N LYS B 800 -18.66 31.55 -25.28
CA LYS B 800 -18.10 30.21 -25.14
C LYS B 800 -19.21 29.18 -25.00
N MET B 801 -20.30 29.53 -24.30
CA MET B 801 -21.44 28.62 -24.22
C MET B 801 -22.03 28.36 -25.59
N GLN B 802 -22.16 29.39 -26.41
CA GLN B 802 -22.66 29.21 -27.78
C GLN B 802 -21.73 28.31 -28.58
N GLU B 803 -20.42 28.51 -28.44
CA GLU B 803 -19.46 27.67 -29.15
C GLU B 803 -19.59 26.21 -28.71
N VAL B 804 -19.74 25.98 -27.41
CA VAL B 804 -19.86 24.61 -26.91
C VAL B 804 -21.15 23.97 -27.40
N VAL B 805 -22.26 24.72 -27.36
CA VAL B 805 -23.57 24.16 -27.69
C VAL B 805 -23.80 24.02 -29.18
N ALA B 806 -22.96 24.63 -30.01
CA ALA B 806 -23.15 24.59 -31.45
C ALA B 806 -23.17 23.15 -31.95
N ASN B 807 -24.10 22.87 -32.87
CA ASN B 807 -24.26 21.54 -33.45
C ASN B 807 -24.48 20.50 -32.36
N LEU B 808 -25.57 20.69 -31.62
CA LEU B 808 -25.95 19.80 -30.54
C LEU B 808 -27.38 19.31 -30.77
N GLN B 809 -27.57 18.00 -30.70
CA GLN B 809 -28.88 17.39 -30.91
C GLN B 809 -29.43 16.95 -29.56
N TYR B 810 -30.49 17.62 -29.11
CA TYR B 810 -31.09 17.34 -27.81
C TYR B 810 -32.61 17.29 -27.96
N ASP B 811 -33.24 16.37 -27.23
CA ASP B 811 -34.68 16.21 -27.25
C ASP B 811 -35.37 17.41 -26.62
N LYS B 817 -36.23 15.83 -30.94
CA LYS B 817 -34.90 16.33 -31.24
C LYS B 817 -34.99 17.76 -31.76
N ARG B 818 -33.94 18.55 -31.52
CA ARG B 818 -33.94 19.95 -31.92
C ARG B 818 -32.50 20.45 -31.94
N GLU B 819 -32.33 21.73 -32.26
CA GLU B 819 -31.00 22.32 -32.30
C GLU B 819 -30.32 22.33 -30.93
N ALA B 820 -31.08 22.15 -29.85
CA ALA B 820 -30.52 22.07 -28.50
C ALA B 820 -29.75 23.35 -28.15
N THR B 821 -30.49 24.45 -28.07
CA THR B 821 -29.90 25.73 -27.71
C THR B 821 -29.27 25.65 -26.31
N ALA B 822 -28.48 26.67 -25.99
CA ALA B 822 -27.77 26.71 -24.71
C ALA B 822 -28.72 26.74 -23.52
N ASP B 823 -29.96 27.21 -23.70
CA ASP B 823 -30.89 27.27 -22.60
C ASP B 823 -31.20 25.88 -22.05
N ASP B 824 -31.36 24.90 -22.94
CA ASP B 824 -31.60 23.54 -22.50
C ASP B 824 -30.44 23.02 -21.66
N LEU B 825 -29.21 23.26 -22.12
CA LEU B 825 -28.05 22.82 -21.37
C LEU B 825 -27.99 23.50 -20.00
N ILE B 826 -28.28 24.80 -19.95
CA ILE B 826 -28.24 25.51 -18.67
C ILE B 826 -29.29 24.93 -17.72
N LYS B 827 -30.50 24.68 -18.21
CA LYS B 827 -31.53 24.10 -17.35
C LYS B 827 -31.11 22.73 -16.84
N VAL B 828 -30.56 21.90 -17.72
CA VAL B 828 -30.18 20.54 -17.30
C VAL B 828 -29.06 20.60 -16.26
N VAL B 829 -28.10 21.50 -16.46
CA VAL B 829 -27.00 21.60 -15.52
C VAL B 829 -27.48 22.13 -14.18
N GLU B 830 -28.43 23.06 -14.19
CA GLU B 830 -29.03 23.51 -12.94
C GLU B 830 -29.74 22.37 -12.24
N GLU B 831 -30.47 21.56 -13.00
CA GLU B 831 -31.14 20.41 -12.41
C GLU B 831 -30.13 19.48 -11.74
N LEU B 832 -29.01 19.23 -12.42
CA LEU B 832 -27.98 18.37 -11.82
C LEU B 832 -27.40 19.00 -10.57
N THR B 833 -27.06 20.29 -10.62
CA THR B 833 -26.44 20.93 -9.46
C THR B 833 -27.38 20.98 -8.28
N ARG B 834 -28.69 20.98 -8.52
CA ARG B 834 -29.65 21.04 -7.42
C ARG B 834 -29.50 19.85 -6.46
N ILE B 835 -28.93 18.73 -6.93
CA ILE B 835 -28.81 17.54 -6.08
C ILE B 835 -27.90 17.75 -4.89
N HIS B 836 -27.17 18.86 -4.84
CA HIS B 836 -26.30 19.14 -3.71
C HIS B 836 -26.00 20.63 -3.63
ZN ZN C . 1.47 -48.84 2.99
N1 A1BEP D . 17.76 -47.39 -9.46
N3 A1BEP D . 20.59 -43.65 -8.34
C4 A1BEP D . 19.91 -47.46 -10.18
C5 A1BEP D . 19.22 -48.51 -10.79
C6 A1BEP D . 21.18 -49.21 -11.94
C7 A1BEP D . 18.91 -46.80 -9.36
C8 A1BEP D . 20.87 -43.80 -7.01
C10 A1BEP D . 20.03 -44.77 -6.24
C13 A1BEP D . 20.80 -50.85 -14.89
C15 A1BEP D . 22.01 -50.54 -15.76
C17 A1BEP D . 21.25 -51.22 -13.49
C1 A1BEP D . 21.27 -47.30 -10.47
C11 A1BEP D . 19.62 -45.99 -7.07
C12 A1BEP D . 22.23 -52.38 -13.53
C14 A1BEP D . 23.41 -52.05 -14.42
C16 A1BEP D . 19.08 -45.60 -8.46
C18 A1BEP D . 16.81 -49.29 -10.67
C2 A1BEP D . 21.90 -48.18 -11.35
C3 A1BEP D . 19.84 -49.38 -11.67
C9 A1BEP D . 19.97 -44.56 -9.15
N2 A1BEP D . 17.94 -48.43 -10.33
N4 A1BEP D . 22.93 -51.70 -15.78
N5 A1BEP D . 21.84 -50.08 -12.82
O1 A1BEP D . 21.76 -43.13 -6.49
O2 A1BEP D . 20.13 -44.54 -10.37
H21 A1BEP D . 20.83 -42.89 -8.72
H5 A1BEP D . 19.23 -44.31 -5.92
H4 A1BEP D . 20.54 -45.07 -5.47
H10 A1BEP D . 20.20 -50.08 -14.89
H11 A1BEP D . 20.30 -51.59 -15.28
H15 A1BEP D . 22.51 -49.76 -15.45
H14 A1BEP D . 21.73 -50.39 -16.69
H17 A1BEP D . 20.47 -51.54 -12.98
H1 A1BEP D . 21.78 -46.58 -10.05
H7 A1BEP D . 18.93 -46.49 -6.58
H6 A1BEP D . 20.39 -46.58 -7.17
H8 A1BEP D . 21.78 -53.18 -13.87
H9 A1BEP D . 22.54 -52.60 -12.63
H13 A1BEP D . 24.00 -52.82 -14.52
H12 A1BEP D . 23.93 -51.28 -14.08
H16 A1BEP D . 18.21 -45.17 -8.34
H19 A1BEP D . 15.98 -48.90 -10.35
H18 A1BEP D . 16.95 -50.17 -10.25
H20 A1BEP D . 16.78 -49.38 -11.64
H2 A1BEP D . 22.85 -48.04 -11.52
H3 A1BEP D . 19.31 -50.11 -12.07
H22 A1BEP D . 23.63 -51.49 -16.29
H23 A1BEP D . 22.70 -49.87 -12.94
H22B A1BEP D . 22.56 -52.40 -16.17
#